data_8K9L
#
_entry.id   8K9L
#
_cell.length_a   1.00
_cell.length_b   1.00
_cell.length_c   1.00
_cell.angle_alpha   90.00
_cell.angle_beta   90.00
_cell.angle_gamma   90.00
#
_symmetry.space_group_name_H-M   'P 1'
#
loop_
_entity.id
_entity.type
_entity.pdbx_description
1 polymer 'Soluble cytochrome b562,Mu-type opioid receptor,Mu-type opioid receptor'
2 polymer DAMGO
3 polymer 'G protein subunit alpha i3'
4 polymer 'Guanine nucleotide-binding protein G(I)/G(S)/G(T) subunit beta-1'
5 polymer 'Guanine nucleotide-binding protein G(I)/G(S)/G(O) subunit gamma-2'
6 polymer scFv16
7 non-polymer (2~{S})-2-(3-bromanyl-4-methoxy-phenyl)-3-(4-chlorophenyl)sulfonyl-1,3-thiazolidine
#
loop_
_entity_poly.entity_id
_entity_poly.type
_entity_poly.pdbx_seq_one_letter_code
_entity_poly.pdbx_strand_id
1 'polypeptide(L)'
;CLVFADYKDDDDALEVLFQGPMADLEDNWETLNDNLKVIEKADNAAQVKDALTKMRAAALDAQKATPPKLEDKSPDSPEM
KDFRHGFDILVGQIDDALKLANEGKVKEAQAAAEQLKTTRNAYIQKYLGGSPGARSASSPSMITAITIMALYSIVCVVGL
FGNFLVMYVIVRYTKMKTATNIYIFNLALADALATSTLPFQSVNYLMGTWPFGTILCKIVISIDYYNMFTSIWTLCTMSV
DRYIAVCHPVKALDFRTPRNAKIINVCNWILSSAIGLPVMFMATTKYRQGSIDCTLTFSHPTWYWENLLKICVFIFAFIM
PVLIITVCYGLMILRLKSVRMLSGSKEKDRNLRRITRMVLVVVAVFIVCWTPIHIYVIIKALVTIPETTFQTVSWHFCIA
LGYTNSCLNPVLYAFLDENFKRCFREFCIPTSSNIEQLEVLFQGPHHHHHHHH
;
R
2 'polypeptide(L)' Y(DAL)G(MEA)(ETA) S
3 'polypeptide(L)'
;MGCTLSAEDKAAVERSKMIDRNLREDGEKAAKEVKLLLLGAGESGKSTIVKQMKIIHEDGYSEDECKQYKVVVYSNTIQS
IIAIIRAMGRLKIDFGEAARADDARQLFVLAGSAEEGVMTPELAGVIKRLWRDGGVQACFSRSREYQLNDSASYYLNDLD
RISQSNYIPTQQDVLRTRVKTTGIVETHFTFKDLYFKMFDVGGQRSERKKWIHCFEGVTAIIFCVALSDYDLVLAEDEEM
NRMHESMKLFDSICNNKWFTETSIILFLNKKDLFEEKIKRSPLTICYPEYTGSNTYEEAAAYIQCQFEDLNRRKDTKEIY
THFTCATDTKNVQFVFDAVTDVIIKNNLKECGLY
;
A
4 'polypeptide(L)'
;MHHHHHHHHSELDQLRQEAEQLKNQIRDARKACADATLSQITNNIDPVGRIQMRTRRTLRGHLAKIYAMHWGTDSRLLVS
ASQDGKLIIWDSYTTNKVHAIPLRSSWVMTCAYAPSGNYVACGGLDNICSIYNLKTREGNVRVSRELAGHTGYLSCCRFL
DDNQIVTSSGDTTCALWDIETGQQTTTFTGHTGDVMSLSLAPDTRLFVSGACDASAKLWDVREGMCRQTFTGHESDINAI
CFFPNGNAFATGSDDATCRLFDLRADQELMTYSHDNIICGITSVSFSKSGRLLLAGYDDFNCNVWDALKADRAGVLAGHD
NRVSCLGVTDDGMAVATGSWDSFLKIWN
;
B
5 'polypeptide(L)' MAASNNTASIAQARKLVEQLKMEANIDRIKVSKAAADLMAYCEAHAKEDPLLTPVPASENPFREKKFFCAIL G
6 'polypeptide(L)'
;DVQLVESGGGLVQPGGSRKLSCSASGFAFSSFGMHWVRQAPEKGLEWVAYISSGSGTIYYADTVKGRFTISRDDPKNTLF
LQMTSLRSEDTAMYYCVRSIYYYGSSPFDFWGQGTTLTVSSGGGGSGGGGSGGGGSDIVMTQATSSVPVTPGESVSISCR
SSKSLLHSNGNTYLYWFLQRPGQSPQLLIYRMSNLASGVPDRFSGSGSGTAFTLTISRLEAEDVGVYYCMQHLEYPLTFG
AGTKLELKAAALEVLFQ
;
H
#
loop_
_chem_comp.id
_chem_comp.type
_chem_comp.name
_chem_comp.formula
VV9 non-polymer (2~{S})-2-(3-bromanyl-4-methoxy-phenyl)-3-(4-chlorophenyl)sulfonyl-1,3-thiazolidine 'C16 H15 Br Cl N O3 S2'
#
# COMPACT_ATOMS: atom_id res chain seq x y z
N SER A 141 60.28 -27.60 4.07
CA SER A 141 60.42 -26.16 3.90
C SER A 141 59.43 -25.63 2.87
N MET A 142 59.64 -25.99 1.61
CA MET A 142 58.73 -25.57 0.55
C MET A 142 57.34 -26.18 0.74
N ILE A 143 57.28 -27.40 1.28
CA ILE A 143 55.98 -28.04 1.50
C ILE A 143 55.15 -27.23 2.50
N THR A 144 55.77 -26.77 3.57
CA THR A 144 55.03 -26.00 4.57
C THR A 144 54.46 -24.71 3.97
N ALA A 145 55.27 -23.98 3.21
CA ALA A 145 54.77 -22.78 2.55
C ALA A 145 53.67 -23.12 1.55
N ILE A 146 53.81 -24.23 0.84
CA ILE A 146 52.78 -24.63 -0.12
C ILE A 146 51.46 -24.87 0.60
N THR A 147 51.51 -25.61 1.71
CA THR A 147 50.28 -25.87 2.46
C THR A 147 49.70 -24.59 3.03
N ILE A 148 50.56 -23.68 3.51
CA ILE A 148 50.05 -22.43 4.09
C ILE A 148 49.33 -21.62 3.04
N MET A 149 49.94 -21.47 1.86
CA MET A 149 49.29 -20.71 0.80
C MET A 149 48.05 -21.41 0.28
N ALA A 150 48.04 -22.74 0.29
CA ALA A 150 46.86 -23.49 -0.13
C ALA A 150 45.69 -23.23 0.80
N LEU A 151 45.95 -23.26 2.11
CA LEU A 151 44.90 -22.95 3.08
C LEU A 151 44.43 -21.50 2.94
N TYR A 152 45.38 -20.58 2.74
CA TYR A 152 45.01 -19.18 2.54
C TYR A 152 44.08 -19.03 1.35
N SER A 153 44.45 -19.65 0.22
CA SER A 153 43.65 -19.53 -0.99
C SER A 153 42.28 -20.17 -0.83
N ILE A 154 42.21 -21.34 -0.21
CA ILE A 154 40.93 -22.00 0.00
C ILE A 154 40.02 -21.13 0.85
N VAL A 155 40.54 -20.63 1.97
CA VAL A 155 39.74 -19.79 2.85
C VAL A 155 39.25 -18.55 2.10
N CYS A 156 40.15 -17.88 1.39
CA CYS A 156 39.78 -16.66 0.67
C CYS A 156 38.70 -16.96 -0.37
N VAL A 157 38.87 -18.03 -1.15
CA VAL A 157 37.96 -18.29 -2.25
C VAL A 157 36.58 -18.67 -1.72
N VAL A 158 36.52 -19.52 -0.69
CA VAL A 158 35.21 -19.90 -0.17
C VAL A 158 34.54 -18.71 0.52
N GLY A 159 35.31 -17.89 1.23
CA GLY A 159 34.73 -16.72 1.86
C GLY A 159 34.14 -15.77 0.84
N LEU A 160 34.90 -15.46 -0.21
CA LEU A 160 34.43 -14.54 -1.24
C LEU A 160 33.19 -15.11 -1.93
N PHE A 161 33.23 -16.39 -2.30
CA PHE A 161 32.12 -16.97 -3.03
C PHE A 161 30.85 -16.96 -2.19
N GLY A 162 30.93 -17.47 -0.96
CA GLY A 162 29.73 -17.50 -0.13
C GLY A 162 29.21 -16.11 0.19
N ASN A 163 30.11 -15.18 0.50
CA ASN A 163 29.66 -13.84 0.83
C ASN A 163 28.99 -13.17 -0.36
N PHE A 164 29.54 -13.33 -1.57
CA PHE A 164 28.94 -12.69 -2.73
C PHE A 164 27.60 -13.31 -3.09
N LEU A 165 27.47 -14.63 -2.95
CA LEU A 165 26.15 -15.24 -3.15
C LEU A 165 25.15 -14.73 -2.12
N VAL A 166 25.57 -14.59 -0.86
CA VAL A 166 24.67 -14.05 0.16
C VAL A 166 24.27 -12.63 -0.17
N MET A 167 25.22 -11.81 -0.61
CA MET A 167 24.92 -10.43 -0.99
C MET A 167 23.90 -10.38 -2.12
N TYR A 168 24.09 -11.22 -3.15
CA TYR A 168 23.16 -11.21 -4.27
C TYR A 168 21.76 -11.62 -3.83
N VAL A 169 21.66 -12.71 -3.06
CA VAL A 169 20.35 -13.16 -2.58
C VAL A 169 19.70 -12.09 -1.71
N ILE A 170 20.48 -11.46 -0.84
CA ILE A 170 19.93 -10.45 0.07
C ILE A 170 19.41 -9.26 -0.71
N VAL A 171 20.16 -8.80 -1.71
CA VAL A 171 19.74 -7.61 -2.45
C VAL A 171 18.55 -7.92 -3.34
N ARG A 172 18.47 -9.14 -3.87
CA ARG A 172 17.41 -9.47 -4.81
C ARG A 172 16.11 -9.80 -4.06
N TYR A 173 16.17 -10.76 -3.15
CA TYR A 173 15.00 -11.44 -2.60
C TYR A 173 14.44 -10.70 -1.37
N THR A 174 15.28 -10.50 -0.35
CA THR A 174 14.77 -10.06 0.95
C THR A 174 14.18 -8.66 0.87
N LYS A 175 14.82 -7.77 0.12
CA LYS A 175 14.37 -6.40 -0.15
C LYS A 175 14.69 -5.37 0.93
N MET A 176 15.54 -5.68 1.92
CA MET A 176 15.78 -4.75 3.03
C MET A 176 14.50 -4.36 3.76
N LYS A 177 13.53 -5.26 3.87
CA LYS A 177 12.27 -4.90 4.53
C LYS A 177 12.27 -5.23 6.02
N THR A 178 12.88 -6.35 6.41
CA THR A 178 12.98 -6.70 7.82
C THR A 178 14.28 -6.19 8.40
N ALA A 179 14.28 -5.96 9.72
CA ALA A 179 15.49 -5.47 10.38
C ALA A 179 16.60 -6.50 10.31
N THR A 180 16.26 -7.79 10.36
CA THR A 180 17.29 -8.82 10.30
C THR A 180 17.97 -8.85 8.94
N ASN A 181 17.27 -8.42 7.89
CA ASN A 181 17.87 -8.41 6.56
C ASN A 181 18.95 -7.35 6.45
N ILE A 182 18.75 -6.20 7.09
CA ILE A 182 19.76 -5.15 7.09
C ILE A 182 21.03 -5.64 7.78
N TYR A 183 20.86 -6.31 8.92
CA TYR A 183 22.01 -6.85 9.65
C TYR A 183 22.74 -7.90 8.83
N ILE A 184 22.00 -8.80 8.19
CA ILE A 184 22.66 -9.81 7.35
C ILE A 184 23.39 -9.15 6.19
N PHE A 185 22.79 -8.11 5.61
CA PHE A 185 23.44 -7.40 4.52
C PHE A 185 24.78 -6.81 4.97
N ASN A 186 24.75 -6.07 6.09
CA ASN A 186 25.98 -5.46 6.58
C ASN A 186 27.00 -6.53 6.97
N LEU A 187 26.56 -7.62 7.58
CA LEU A 187 27.48 -8.67 7.99
C LEU A 187 28.17 -9.28 6.78
N ALA A 188 27.42 -9.57 5.73
CA ALA A 188 28.00 -10.14 4.52
C ALA A 188 28.94 -9.14 3.84
N LEU A 189 28.56 -7.87 3.82
CA LEU A 189 29.40 -6.86 3.19
C LEU A 189 30.74 -6.74 3.91
N ALA A 190 30.71 -6.54 5.23
CA ALA A 190 31.95 -6.44 5.99
C ALA A 190 32.74 -7.74 5.92
N ASP A 191 32.05 -8.88 5.79
CA ASP A 191 32.76 -10.15 5.76
C ASP A 191 33.51 -10.33 4.45
N ALA A 192 32.88 -9.97 3.33
CA ALA A 192 33.58 -10.01 2.05
C ALA A 192 34.73 -9.01 2.03
N LEU A 193 34.53 -7.82 2.59
CA LEU A 193 35.63 -6.87 2.68
C LEU A 193 36.79 -7.44 3.49
N ALA A 194 36.50 -8.13 4.59
CA ALA A 194 37.55 -8.79 5.37
C ALA A 194 38.25 -9.87 4.55
N THR A 195 37.50 -10.68 3.83
CA THR A 195 38.08 -11.76 3.04
C THR A 195 38.93 -11.23 1.90
N SER A 196 38.66 -10.02 1.43
CA SER A 196 39.41 -9.47 0.30
C SER A 196 40.90 -9.33 0.59
N THR A 197 41.28 -9.23 1.86
CA THR A 197 42.67 -8.99 2.25
C THR A 197 43.54 -10.24 2.24
N LEU A 198 42.94 -11.43 2.19
CA LEU A 198 43.71 -12.66 2.36
C LEU A 198 44.79 -12.86 1.31
N PRO A 199 44.54 -12.69 0.01
CA PRO A 199 45.59 -13.02 -0.98
C PRO A 199 46.78 -12.08 -0.88
N PHE A 200 46.59 -10.85 -0.41
CA PHE A 200 47.74 -10.00 -0.12
C PHE A 200 48.63 -10.64 0.94
N GLN A 201 48.02 -11.18 2.00
CA GLN A 201 48.77 -11.90 3.02
C GLN A 201 49.48 -13.10 2.42
N SER A 202 48.78 -13.86 1.57
CA SER A 202 49.36 -15.07 1.01
C SER A 202 50.58 -14.74 0.16
N VAL A 203 50.48 -13.73 -0.70
CA VAL A 203 51.61 -13.36 -1.54
C VAL A 203 52.73 -12.75 -0.72
N ASN A 204 52.38 -12.03 0.36
CA ASN A 204 53.40 -11.48 1.24
C ASN A 204 54.22 -12.59 1.89
N TYR A 205 53.55 -13.65 2.36
CA TYR A 205 54.28 -14.78 2.92
C TYR A 205 55.07 -15.52 1.84
N LEU A 206 54.49 -15.67 0.65
CA LEU A 206 55.15 -16.44 -0.40
C LEU A 206 56.45 -15.78 -0.84
N MET A 207 56.40 -14.49 -1.16
CA MET A 207 57.60 -13.82 -1.67
C MET A 207 58.46 -13.22 -0.57
N GLY A 208 57.92 -13.02 0.63
CA GLY A 208 58.69 -12.44 1.71
C GLY A 208 58.97 -10.97 1.56
N THR A 209 58.32 -10.30 0.61
CA THR A 209 58.50 -8.87 0.40
C THR A 209 57.17 -8.27 -0.05
N TRP A 210 57.00 -6.98 0.21
CA TRP A 210 55.75 -6.32 -0.10
C TRP A 210 55.96 -5.33 -1.24
N PRO A 211 55.41 -5.58 -2.43
CA PRO A 211 55.69 -4.72 -3.59
C PRO A 211 54.66 -3.64 -3.86
N PHE A 212 53.54 -3.64 -3.13
CA PHE A 212 52.41 -2.79 -3.48
C PHE A 212 52.50 -1.38 -2.91
N GLY A 213 53.57 -1.03 -2.20
CA GLY A 213 53.82 0.34 -1.82
C GLY A 213 53.13 0.77 -0.54
N THR A 214 53.52 1.96 -0.09
CA THR A 214 53.07 2.46 1.22
C THR A 214 51.58 2.76 1.21
N ILE A 215 51.07 3.31 0.11
CA ILE A 215 49.65 3.63 0.03
C ILE A 215 48.82 2.37 0.20
N LEU A 216 49.16 1.32 -0.54
CA LEU A 216 48.41 0.08 -0.43
C LEU A 216 48.65 -0.60 0.92
N CYS A 217 49.83 -0.42 1.53
CA CYS A 217 50.04 -0.96 2.86
C CYS A 217 49.09 -0.31 3.86
N LYS A 218 48.99 1.02 3.84
CA LYS A 218 48.06 1.72 4.71
C LYS A 218 46.63 1.26 4.46
N ILE A 219 46.24 1.20 3.18
CA ILE A 219 44.87 0.83 2.85
C ILE A 219 44.57 -0.58 3.35
N VAL A 220 45.50 -1.52 3.15
CA VAL A 220 45.26 -2.90 3.54
C VAL A 220 45.13 -3.01 5.06
N ILE A 221 46.02 -2.35 5.80
CA ILE A 221 45.96 -2.45 7.25
C ILE A 221 44.64 -1.87 7.76
N SER A 222 44.28 -0.68 7.28
CA SER A 222 43.06 -0.05 7.74
C SER A 222 41.83 -0.87 7.39
N ILE A 223 41.78 -1.41 6.17
CA ILE A 223 40.62 -2.18 5.75
C ILE A 223 40.52 -3.48 6.53
N ASP A 224 41.66 -4.10 6.85
CA ASP A 224 41.64 -5.34 7.60
C ASP A 224 41.09 -5.12 9.01
N TYR A 225 41.65 -4.13 9.72
CA TYR A 225 41.15 -3.87 11.07
C TYR A 225 39.69 -3.44 11.06
N TYR A 226 39.34 -2.55 10.11
CA TYR A 226 37.96 -2.11 9.96
C TYR A 226 37.01 -3.28 9.80
N ASN A 227 37.30 -4.18 8.85
CA ASN A 227 36.37 -5.26 8.57
C ASN A 227 36.28 -6.24 9.72
N MET A 228 37.41 -6.57 10.37
CA MET A 228 37.33 -7.44 11.54
C MET A 228 36.40 -6.83 12.60
N PHE A 229 36.63 -5.56 12.96
CA PHE A 229 35.83 -4.97 14.03
C PHE A 229 34.36 -4.89 13.63
N THR A 230 34.08 -4.55 12.37
CA THR A 230 32.71 -4.39 11.92
C THR A 230 31.97 -5.71 11.91
N SER A 231 32.61 -6.78 11.41
CA SER A 231 31.94 -8.08 11.42
C SER A 231 31.63 -8.52 12.83
N ILE A 232 32.60 -8.36 13.75
CA ILE A 232 32.37 -8.81 15.13
C ILE A 232 31.23 -8.01 15.77
N TRP A 233 31.24 -6.69 15.58
CA TRP A 233 30.23 -5.87 16.24
C TRP A 233 28.86 -6.05 15.59
N THR A 234 28.82 -6.38 14.30
CA THR A 234 27.54 -6.73 13.68
C THR A 234 26.98 -8.02 14.26
N LEU A 235 27.83 -9.02 14.48
CA LEU A 235 27.37 -10.22 15.18
C LEU A 235 26.79 -9.88 16.55
N CYS A 236 27.50 -9.04 17.30
CA CYS A 236 27.02 -8.67 18.62
C CYS A 236 25.66 -7.95 18.56
N THR A 237 25.52 -7.01 17.61
CA THR A 237 24.28 -6.25 17.55
C THR A 237 23.13 -7.09 17.03
N MET A 238 23.40 -8.09 16.18
CA MET A 238 22.35 -9.00 15.76
C MET A 238 21.88 -9.87 16.93
N SER A 239 22.82 -10.34 17.76
CA SER A 239 22.43 -11.10 18.94
C SER A 239 21.59 -10.25 19.90
N VAL A 240 21.99 -9.00 20.11
CA VAL A 240 21.23 -8.13 21.00
C VAL A 240 19.83 -7.86 20.43
N ASP A 241 19.74 -7.71 19.10
CA ASP A 241 18.43 -7.51 18.48
C ASP A 241 17.53 -8.72 18.71
N ARG A 242 18.07 -9.93 18.55
CA ARG A 242 17.27 -11.13 18.79
C ARG A 242 16.84 -11.23 20.24
N TYR A 243 17.74 -10.90 21.17
CA TYR A 243 17.38 -10.93 22.58
C TYR A 243 16.24 -9.95 22.89
N ILE A 244 16.31 -8.74 22.33
CA ILE A 244 15.25 -7.77 22.55
C ILE A 244 13.95 -8.25 21.91
N ALA A 245 14.06 -8.91 20.76
CA ALA A 245 12.86 -9.41 20.08
C ALA A 245 12.15 -10.46 20.93
N VAL A 246 12.89 -11.35 21.56
CA VAL A 246 12.26 -12.45 22.29
C VAL A 246 11.89 -12.06 23.71
N CYS A 247 12.76 -11.32 24.42
CA CYS A 247 12.51 -11.05 25.83
C CYS A 247 11.75 -9.75 26.09
N HIS A 248 11.65 -8.87 25.09
CA HIS A 248 10.94 -7.59 25.25
C HIS A 248 10.08 -7.35 24.01
N PRO A 249 9.02 -8.13 23.82
CA PRO A 249 8.25 -8.03 22.58
C PRO A 249 7.48 -6.72 22.43
N VAL A 250 6.89 -6.22 23.51
CA VAL A 250 6.16 -4.96 23.46
C VAL A 250 7.08 -3.81 23.09
N LYS A 251 8.29 -3.80 23.64
CA LYS A 251 9.27 -2.80 23.25
C LYS A 251 9.87 -3.10 21.87
N ALA A 252 10.00 -4.38 21.53
CA ALA A 252 10.51 -4.75 20.22
C ALA A 252 9.59 -4.30 19.10
N LEU A 253 8.30 -4.09 19.38
CA LEU A 253 7.40 -3.57 18.35
C LEU A 253 7.84 -2.19 17.88
N ASP A 254 8.38 -1.37 18.79
CA ASP A 254 8.81 -0.02 18.44
C ASP A 254 10.29 0.05 18.09
N PHE A 255 11.13 -0.70 18.79
CA PHE A 255 12.57 -0.54 18.68
C PHE A 255 13.18 -1.31 17.50
N ARG A 256 12.43 -2.17 16.83
CA ARG A 256 12.95 -3.02 15.78
C ARG A 256 12.50 -2.59 14.39
N THR A 257 12.37 -1.28 14.17
CA THR A 257 12.08 -0.74 12.86
C THR A 257 13.33 -0.77 11.98
N PRO A 258 13.16 -0.91 10.66
CA PRO A 258 14.33 -0.91 9.77
C PRO A 258 15.14 0.38 9.83
N ARG A 259 14.48 1.52 10.10
CA ARG A 259 15.22 2.77 10.23
C ARG A 259 16.20 2.70 11.41
N ASN A 260 15.75 2.15 12.54
CA ASN A 260 16.64 1.99 13.68
C ASN A 260 17.74 0.98 13.39
N ALA A 261 17.45 -0.05 12.60
CA ALA A 261 18.50 -0.99 12.20
C ALA A 261 19.58 -0.28 11.39
N LYS A 262 19.18 0.56 10.45
CA LYS A 262 20.15 1.32 9.66
C LYS A 262 20.92 2.29 10.54
N ILE A 263 20.25 2.92 11.51
CA ILE A 263 20.93 3.83 12.42
C ILE A 263 22.00 3.09 13.22
N ILE A 264 21.66 1.91 13.73
CA ILE A 264 22.63 1.12 14.49
C ILE A 264 23.79 0.69 13.61
N ASN A 265 23.50 0.32 12.35
CA ASN A 265 24.57 -0.04 11.44
C ASN A 265 25.52 1.13 11.20
N VAL A 266 24.97 2.32 11.01
CA VAL A 266 25.81 3.50 10.81
C VAL A 266 26.65 3.78 12.05
N CYS A 267 26.05 3.65 13.24
CA CYS A 267 26.80 3.88 14.46
C CYS A 267 27.94 2.87 14.61
N ASN A 268 27.69 1.60 14.27
CA ASN A 268 28.75 0.60 14.32
C ASN A 268 29.86 0.94 13.33
N TRP A 269 29.48 1.36 12.12
CA TRP A 269 30.45 1.73 11.10
C TRP A 269 31.35 2.87 11.60
N ILE A 270 30.74 3.88 12.21
CA ILE A 270 31.50 5.03 12.72
C ILE A 270 32.42 4.61 13.86
N LEU A 271 31.90 3.80 14.79
CA LEU A 271 32.72 3.39 15.93
C LEU A 271 33.87 2.49 15.50
N SER A 272 33.72 1.74 14.41
CA SER A 272 34.86 1.00 13.87
C SER A 272 35.84 1.94 13.17
N SER A 273 35.33 2.98 12.52
CA SER A 273 36.22 4.00 11.95
C SER A 273 37.06 4.65 13.04
N ALA A 274 36.48 4.82 14.23
CA ALA A 274 37.18 5.51 15.32
C ALA A 274 38.46 4.79 15.73
N ILE A 275 38.63 3.51 15.39
CA ILE A 275 39.89 2.82 15.60
C ILE A 275 40.62 2.54 14.29
N GLY A 276 39.90 2.47 13.16
CA GLY A 276 40.58 2.27 11.89
C GLY A 276 41.43 3.46 11.50
N LEU A 277 40.96 4.68 11.79
CA LEU A 277 41.69 5.88 11.39
C LEU A 277 43.06 5.99 12.04
N PRO A 278 43.23 5.83 13.35
CA PRO A 278 44.58 5.88 13.92
C PRO A 278 45.50 4.82 13.34
N VAL A 279 44.98 3.62 13.07
CA VAL A 279 45.80 2.60 12.41
C VAL A 279 46.15 3.02 10.99
N MET A 280 45.21 3.68 10.31
CA MET A 280 45.50 4.21 8.98
C MET A 280 46.64 5.21 9.02
N PHE A 281 46.64 6.10 10.01
CA PHE A 281 47.71 7.10 10.08
C PHE A 281 49.04 6.44 10.47
N MET A 282 49.01 5.53 11.43
CA MET A 282 50.24 4.93 11.93
C MET A 282 50.85 3.90 10.98
N ALA A 283 50.15 3.53 9.92
CA ALA A 283 50.64 2.51 9.00
C ALA A 283 51.75 3.07 8.14
N THR A 284 52.96 2.52 8.30
CA THR A 284 54.11 2.92 7.50
C THR A 284 54.82 1.68 6.97
N THR A 285 55.68 1.89 5.98
CA THR A 285 56.50 0.83 5.41
C THR A 285 57.93 1.02 5.92
N LYS A 286 58.47 0.00 6.56
CA LYS A 286 59.78 0.08 7.20
C LYS A 286 60.71 -0.95 6.57
N TYR A 287 61.96 -0.56 6.35
CA TYR A 287 62.94 -1.46 5.74
C TYR A 287 63.30 -2.56 6.72
N ARG A 288 62.85 -3.77 6.43
CA ARG A 288 63.18 -4.93 7.23
C ARG A 288 64.55 -5.48 6.83
N GLN A 289 65.01 -6.48 7.59
CA GLN A 289 66.31 -7.08 7.31
C GLN A 289 66.36 -7.67 5.91
N GLY A 290 65.38 -8.50 5.56
CA GLY A 290 65.43 -9.16 4.27
C GLY A 290 65.16 -8.27 3.08
N SER A 291 63.91 -7.88 2.86
CA SER A 291 63.58 -6.94 1.80
C SER A 291 62.83 -5.71 2.30
N ILE A 292 61.68 -5.90 2.94
CA ILE A 292 60.82 -4.78 3.31
C ILE A 292 59.74 -5.31 4.25
N ASP A 293 59.18 -4.42 5.06
CA ASP A 293 58.11 -4.78 5.98
C ASP A 293 56.99 -3.74 5.87
N CYS A 294 55.76 -4.22 5.84
CA CYS A 294 54.56 -3.39 5.95
C CYS A 294 53.97 -3.61 7.34
N THR A 295 54.46 -2.84 8.30
CA THR A 295 54.06 -3.00 9.70
C THR A 295 53.57 -1.69 10.28
N LEU A 296 53.38 -1.65 11.58
CA LEU A 296 52.93 -0.45 12.29
C LEU A 296 54.05 0.07 13.17
N THR A 297 54.27 1.38 13.11
CA THR A 297 55.28 2.05 13.93
C THR A 297 54.59 2.88 14.99
N PHE A 298 55.02 2.72 16.24
CA PHE A 298 54.43 3.41 17.39
C PHE A 298 55.43 4.39 17.96
N SER A 299 54.93 5.56 18.37
CA SER A 299 55.79 6.58 18.96
C SER A 299 56.34 6.10 20.30
N HIS A 300 57.52 6.60 20.64
CA HIS A 300 58.17 6.21 21.88
C HIS A 300 57.36 6.72 23.07
N PRO A 301 57.06 5.88 24.06
CA PRO A 301 57.50 4.48 24.16
C PRO A 301 56.69 3.58 23.24
N THR A 302 57.34 3.00 22.23
CA THR A 302 56.62 2.17 21.27
C THR A 302 56.06 0.92 21.92
N TRP A 303 56.75 0.38 22.93
CA TRP A 303 56.24 -0.80 23.61
C TRP A 303 54.92 -0.50 24.31
N TYR A 304 54.82 0.68 24.93
CA TYR A 304 53.59 1.07 25.61
C TYR A 304 52.43 1.15 24.64
N TRP A 305 52.63 1.81 23.49
CA TRP A 305 51.54 2.00 22.55
C TRP A 305 51.16 0.68 21.87
N GLU A 306 52.15 -0.14 21.52
CA GLU A 306 51.83 -1.44 20.91
C GLU A 306 51.09 -2.34 21.88
N ASN A 307 51.51 -2.35 23.15
CA ASN A 307 50.81 -3.16 24.14
C ASN A 307 49.40 -2.64 24.38
N LEU A 308 49.23 -1.31 24.41
CA LEU A 308 47.88 -0.76 24.56
C LEU A 308 46.99 -1.14 23.40
N LEU A 309 47.51 -1.07 22.18
CA LEU A 309 46.70 -1.46 21.02
C LEU A 309 46.34 -2.95 21.07
N LYS A 310 47.31 -3.80 21.40
CA LYS A 310 47.02 -5.22 21.48
C LYS A 310 45.97 -5.53 22.55
N ILE A 311 46.10 -4.90 23.72
CA ILE A 311 45.14 -5.15 24.80
C ILE A 311 43.76 -4.61 24.42
N CYS A 312 43.71 -3.43 23.80
CA CYS A 312 42.43 -2.87 23.39
C CYS A 312 41.74 -3.76 22.37
N VAL A 313 42.50 -4.27 21.40
CA VAL A 313 41.92 -5.19 20.41
C VAL A 313 41.42 -6.45 21.10
N PHE A 314 42.23 -7.04 21.98
CA PHE A 314 41.85 -8.28 22.62
C PHE A 314 40.60 -8.12 23.48
N ILE A 315 40.48 -6.99 24.19
CA ILE A 315 39.32 -6.78 25.03
C ILE A 315 38.09 -6.42 24.21
N PHE A 316 38.16 -5.32 23.45
CA PHE A 316 36.98 -4.80 22.76
C PHE A 316 36.60 -5.63 21.55
N ALA A 317 37.38 -6.62 21.14
CA ALA A 317 37.02 -7.44 20.00
C ALA A 317 36.87 -8.91 20.29
N PHE A 318 37.35 -9.41 21.44
CA PHE A 318 37.15 -10.81 21.78
C PHE A 318 36.38 -11.04 23.08
N ILE A 319 36.83 -10.47 24.20
CA ILE A 319 36.26 -10.85 25.49
C ILE A 319 34.85 -10.31 25.66
N MET A 320 34.69 -9.01 25.53
CA MET A 320 33.38 -8.39 25.64
C MET A 320 32.40 -8.90 24.57
N PRO A 321 32.78 -9.02 23.29
CA PRO A 321 31.83 -9.60 22.33
C PRO A 321 31.37 -10.99 22.72
N VAL A 322 32.30 -11.85 23.18
CA VAL A 322 31.92 -13.20 23.57
C VAL A 322 30.96 -13.15 24.75
N LEU A 323 31.27 -12.30 25.73
CA LEU A 323 30.40 -12.16 26.90
C LEU A 323 29.01 -11.70 26.49
N ILE A 324 28.93 -10.69 25.62
CA ILE A 324 27.64 -10.15 25.20
C ILE A 324 26.83 -11.22 24.47
N ILE A 325 27.47 -11.91 23.52
CA ILE A 325 26.75 -12.91 22.75
C ILE A 325 26.24 -14.02 23.66
N THR A 326 27.12 -14.52 24.54
CA THR A 326 26.72 -15.62 25.42
C THR A 326 25.59 -15.21 26.35
N VAL A 327 25.71 -14.03 26.97
CA VAL A 327 24.68 -13.60 27.92
C VAL A 327 23.35 -13.41 27.21
N CYS A 328 23.36 -12.72 26.07
CA CYS A 328 22.11 -12.44 25.37
C CYS A 328 21.44 -13.72 24.90
N TYR A 329 22.21 -14.63 24.29
CA TYR A 329 21.60 -15.85 23.79
C TYR A 329 21.16 -16.77 24.94
N GLY A 330 21.87 -16.77 26.06
CA GLY A 330 21.42 -17.55 27.20
C GLY A 330 20.13 -17.04 27.77
N LEU A 331 20.01 -15.71 27.92
CA LEU A 331 18.74 -15.14 28.39
C LEU A 331 17.62 -15.44 27.39
N MET A 332 17.92 -15.38 26.10
CA MET A 332 16.92 -15.70 25.10
C MET A 332 16.44 -17.14 25.23
N ILE A 333 17.36 -18.08 25.46
CA ILE A 333 16.98 -19.48 25.60
C ILE A 333 16.19 -19.70 26.88
N LEU A 334 16.58 -19.03 27.97
CA LEU A 334 15.83 -19.15 29.21
C LEU A 334 14.39 -18.66 29.03
N ARG A 335 14.22 -17.54 28.33
CA ARG A 335 12.87 -17.06 28.08
C ARG A 335 12.10 -17.95 27.12
N LEU A 336 12.79 -18.56 26.15
CA LEU A 336 12.13 -19.45 25.20
C LEU A 336 11.70 -20.76 25.84
N LYS A 337 12.39 -21.19 26.89
CA LYS A 337 12.04 -22.47 27.53
C LYS A 337 10.67 -22.42 28.19
N SER A 338 10.15 -21.23 28.48
CA SER A 338 8.88 -21.05 29.20
C SER A 338 7.84 -20.37 28.31
N VAL A 339 7.75 -20.80 27.05
CA VAL A 339 6.77 -20.26 26.12
C VAL A 339 5.72 -21.33 25.83
N ARG A 340 4.49 -20.88 25.59
CA ARG A 340 3.37 -21.79 25.40
C ARG A 340 3.39 -22.49 24.05
N MET A 341 4.11 -21.96 23.08
CA MET A 341 4.13 -22.56 21.74
C MET A 341 5.15 -23.67 21.60
N LEU A 342 5.98 -23.90 22.61
CA LEU A 342 7.05 -24.88 22.55
C LEU A 342 7.07 -25.85 23.72
N SER A 343 6.26 -25.61 24.75
CA SER A 343 6.18 -26.47 25.94
C SER A 343 4.90 -27.31 25.92
N GLY A 344 5.04 -28.62 25.72
CA GLY A 344 3.87 -29.48 25.74
C GLY A 344 3.64 -30.44 24.59
N SER A 345 4.41 -30.35 23.52
CA SER A 345 4.22 -31.22 22.36
C SER A 345 5.59 -31.63 21.84
N LYS A 346 5.73 -32.92 21.48
CA LYS A 346 7.01 -33.37 20.95
C LYS A 346 7.51 -32.44 19.86
N GLU A 347 6.64 -32.11 18.89
CA GLU A 347 7.04 -31.20 17.82
C GLU A 347 7.54 -29.88 18.39
N LYS A 348 6.79 -29.33 19.35
CA LYS A 348 7.16 -28.08 20.00
C LYS A 348 8.53 -28.18 20.67
N ASP A 349 8.73 -29.22 21.48
CA ASP A 349 10.01 -29.41 22.14
C ASP A 349 11.14 -29.54 21.12
N ARG A 350 10.87 -30.25 20.01
CA ARG A 350 11.87 -30.40 18.97
C ARG A 350 12.26 -29.05 18.38
N ASN A 351 11.27 -28.22 18.05
CA ASN A 351 11.54 -26.87 17.57
C ASN A 351 12.38 -26.06 18.56
N LEU A 352 12.05 -26.15 19.86
CA LEU A 352 12.86 -25.46 20.87
C LEU A 352 14.29 -26.01 20.90
N ARG A 353 14.43 -27.33 20.80
CA ARG A 353 15.75 -27.94 20.80
C ARG A 353 16.57 -27.44 19.62
N ARG A 354 15.95 -27.35 18.44
CA ARG A 354 16.68 -26.91 17.26
C ARG A 354 17.05 -25.43 17.33
N ILE A 355 16.19 -24.60 17.94
CA ILE A 355 16.55 -23.20 18.14
C ILE A 355 17.76 -23.09 19.06
N THR A 356 17.73 -23.84 20.17
CA THR A 356 18.87 -23.82 21.08
C THR A 356 20.13 -24.35 20.40
N ARG A 357 19.99 -25.38 19.57
CA ARG A 357 21.15 -25.95 18.88
C ARG A 357 21.75 -24.95 17.91
N MET A 358 20.92 -24.21 17.18
CA MET A 358 21.45 -23.19 16.27
C MET A 358 22.17 -22.08 17.04
N VAL A 359 21.58 -21.63 18.14
CA VAL A 359 22.24 -20.60 18.94
C VAL A 359 23.59 -21.09 19.44
N LEU A 360 23.63 -22.31 19.97
CA LEU A 360 24.86 -22.85 20.52
C LEU A 360 25.90 -23.06 19.42
N VAL A 361 25.46 -23.47 18.23
CA VAL A 361 26.40 -23.64 17.11
C VAL A 361 27.03 -22.31 16.75
N VAL A 362 26.23 -21.24 16.69
CA VAL A 362 26.78 -19.93 16.38
C VAL A 362 27.82 -19.53 17.41
N VAL A 363 27.47 -19.66 18.70
CA VAL A 363 28.39 -19.21 19.75
C VAL A 363 29.66 -20.04 19.75
N ALA A 364 29.54 -21.36 19.59
CA ALA A 364 30.71 -22.23 19.60
C ALA A 364 31.62 -21.95 18.40
N VAL A 365 31.04 -21.72 17.23
CA VAL A 365 31.85 -21.41 16.06
C VAL A 365 32.62 -20.12 16.29
N PHE A 366 31.94 -19.08 16.80
CA PHE A 366 32.63 -17.83 17.06
C PHE A 366 33.79 -18.01 18.04
N ILE A 367 33.54 -18.72 19.14
CA ILE A 367 34.58 -18.92 20.15
C ILE A 367 35.76 -19.68 19.55
N VAL A 368 35.48 -20.80 18.88
CA VAL A 368 36.55 -21.65 18.38
C VAL A 368 37.36 -20.92 17.31
N CYS A 369 36.70 -20.11 16.49
CA CYS A 369 37.42 -19.46 15.40
C CYS A 369 38.21 -18.24 15.87
N TRP A 370 37.77 -17.56 16.93
CA TRP A 370 38.48 -16.35 17.32
C TRP A 370 39.43 -16.52 18.50
N THR A 371 39.29 -17.57 19.31
CA THR A 371 40.18 -17.73 20.47
C THR A 371 41.64 -17.97 20.10
N PRO A 372 41.98 -18.94 19.26
CA PRO A 372 43.40 -19.33 19.13
C PRO A 372 44.32 -18.21 18.68
N ILE A 373 43.88 -17.37 17.74
CA ILE A 373 44.76 -16.31 17.25
C ILE A 373 45.02 -15.30 18.36
N HIS A 374 44.00 -14.98 19.16
CA HIS A 374 44.19 -14.05 20.26
C HIS A 374 45.10 -14.61 21.33
N ILE A 375 44.94 -15.89 21.67
CA ILE A 375 45.84 -16.47 22.68
C ILE A 375 47.27 -16.55 22.15
N TYR A 376 47.42 -16.83 20.85
CA TYR A 376 48.75 -16.83 20.26
C TYR A 376 49.39 -15.45 20.30
N VAL A 377 48.62 -14.42 19.98
CA VAL A 377 49.13 -13.06 20.04
C VAL A 377 49.56 -12.71 21.46
N ILE A 378 48.75 -13.08 22.45
CA ILE A 378 49.08 -12.74 23.83
C ILE A 378 50.31 -13.50 24.29
N ILE A 379 50.45 -14.76 23.86
CA ILE A 379 51.59 -15.54 24.31
C ILE A 379 52.88 -15.07 23.64
N LYS A 380 52.80 -14.62 22.38
CA LYS A 380 53.99 -14.07 21.74
C LYS A 380 54.34 -12.70 22.28
N ALA A 381 53.35 -11.91 22.67
CA ALA A 381 53.63 -10.60 23.27
C ALA A 381 54.16 -10.72 24.69
N LEU A 382 53.83 -11.80 25.39
CA LEU A 382 54.28 -11.99 26.76
C LEU A 382 55.58 -12.77 26.86
N VAL A 383 55.80 -13.73 25.96
CA VAL A 383 56.97 -14.60 26.01
C VAL A 383 57.67 -14.58 24.66
N THR A 384 58.99 -14.39 24.69
CA THR A 384 59.81 -14.42 23.48
C THR A 384 60.02 -15.87 23.08
N ILE A 385 59.02 -16.42 22.40
CA ILE A 385 59.04 -17.82 22.01
C ILE A 385 59.96 -18.00 20.81
N PRO A 386 60.89 -18.96 20.83
CA PRO A 386 61.82 -19.10 19.71
C PRO A 386 61.10 -19.44 18.42
N GLU A 387 61.66 -19.00 17.31
CA GLU A 387 61.04 -19.18 16.00
C GLU A 387 61.44 -20.53 15.45
N THR A 388 60.45 -21.24 14.88
CA THR A 388 60.67 -22.52 14.23
C THR A 388 59.70 -22.61 13.06
N THR A 389 59.97 -23.58 12.17
CA THR A 389 59.04 -23.80 11.06
C THR A 389 57.66 -24.21 11.60
N PHE A 390 57.65 -24.98 12.68
CA PHE A 390 56.38 -25.31 13.32
C PHE A 390 55.68 -24.06 13.82
N GLN A 391 56.46 -23.09 14.31
CA GLN A 391 55.88 -21.81 14.73
C GLN A 391 55.20 -21.11 13.56
N THR A 392 55.85 -21.10 12.38
CA THR A 392 55.28 -20.44 11.22
C THR A 392 54.00 -21.13 10.77
N VAL A 393 54.02 -22.46 10.67
CA VAL A 393 52.83 -23.18 10.23
C VAL A 393 51.69 -22.98 11.23
N SER A 394 51.99 -23.06 12.53
CA SER A 394 50.95 -22.86 13.53
C SER A 394 50.37 -21.45 13.46
N TRP A 395 51.23 -20.45 13.29
CA TRP A 395 50.77 -19.07 13.21
C TRP A 395 49.86 -18.85 12.00
N HIS A 396 50.26 -19.39 10.85
CA HIS A 396 49.44 -19.21 9.66
C HIS A 396 48.13 -19.99 9.75
N PHE A 397 48.15 -21.16 10.38
CA PHE A 397 46.90 -21.89 10.60
C PHE A 397 46.00 -21.12 11.56
N CYS A 398 46.58 -20.46 12.56
CA CYS A 398 45.77 -19.64 13.47
C CYS A 398 45.13 -18.47 12.74
N ILE A 399 45.88 -17.83 11.83
CA ILE A 399 45.29 -16.75 11.04
C ILE A 399 44.16 -17.27 10.16
N ALA A 400 44.38 -18.42 9.51
CA ALA A 400 43.33 -19.01 8.69
C ALA A 400 42.10 -19.34 9.53
N LEU A 401 42.32 -19.77 10.77
CA LEU A 401 41.20 -20.05 11.67
C LEU A 401 40.48 -18.75 12.03
N GLY A 402 41.23 -17.68 12.26
CA GLY A 402 40.61 -16.39 12.52
C GLY A 402 39.76 -15.90 11.38
N TYR A 403 40.08 -16.31 10.15
CA TYR A 403 39.26 -15.92 9.00
C TYR A 403 38.22 -16.99 8.65
N THR A 404 38.29 -18.16 9.29
CA THR A 404 37.25 -19.15 9.07
C THR A 404 35.91 -18.68 9.62
N ASN A 405 35.92 -17.94 10.73
CA ASN A 405 34.66 -17.35 11.19
C ASN A 405 34.01 -16.55 10.07
N SER A 406 34.81 -15.73 9.39
CA SER A 406 34.31 -14.94 8.27
C SER A 406 33.71 -15.84 7.21
N CYS A 407 34.42 -16.93 6.89
CA CYS A 407 33.94 -17.84 5.84
C CYS A 407 32.62 -18.50 6.24
N LEU A 408 32.50 -18.94 7.50
CA LEU A 408 31.33 -19.65 7.99
C LEU A 408 30.16 -18.74 8.35
N ASN A 409 30.36 -17.43 8.40
CA ASN A 409 29.32 -16.49 8.79
C ASN A 409 28.06 -16.67 7.97
N PRO A 410 28.13 -16.58 6.63
CA PRO A 410 26.93 -16.83 5.82
C PRO A 410 26.28 -18.17 6.13
N VAL A 411 27.03 -19.28 6.12
CA VAL A 411 26.40 -20.55 6.48
C VAL A 411 25.61 -20.38 7.76
N LEU A 412 26.30 -19.93 8.82
CA LEU A 412 25.72 -19.74 10.14
C LEU A 412 24.40 -18.98 10.15
N TYR A 413 24.28 -17.91 9.35
CA TYR A 413 23.08 -17.09 9.45
C TYR A 413 22.22 -17.10 8.21
N ALA A 414 22.78 -16.80 7.04
CA ALA A 414 21.97 -16.76 5.84
C ALA A 414 21.47 -18.16 5.50
N PHE A 415 22.40 -19.11 5.36
CA PHE A 415 22.01 -20.46 4.94
C PHE A 415 21.08 -21.11 5.96
N LEU A 416 21.41 -21.04 7.24
CA LEU A 416 20.59 -21.73 8.24
C LEU A 416 19.26 -21.04 8.46
N ASP A 417 19.14 -19.78 8.01
CA ASP A 417 17.91 -19.00 8.21
C ASP A 417 16.70 -19.74 7.66
N GLU A 418 15.68 -19.91 8.52
CA GLU A 418 14.46 -20.56 8.07
C GLU A 418 13.77 -19.72 7.01
N ASN A 419 13.77 -18.40 7.17
CA ASN A 419 13.15 -17.54 6.16
C ASN A 419 13.86 -17.70 4.83
N PHE A 420 15.18 -17.93 4.85
CA PHE A 420 15.93 -18.07 3.61
C PHE A 420 15.43 -19.26 2.80
N LYS A 421 14.85 -20.26 3.44
CA LYS A 421 14.41 -21.47 2.74
C LYS A 421 12.99 -21.29 2.20
N ARG A 422 12.77 -20.18 1.50
CA ARG A 422 11.49 -19.92 0.85
C ARG A 422 11.70 -19.51 -0.60
N TYR B 1 43.67 -10.85 10.95
CA TYR B 1 44.34 -10.31 12.12
C TYR B 1 45.59 -11.11 12.45
N DAL B 2 46.61 -10.43 12.96
CA DAL B 2 47.87 -11.08 13.33
CB DAL B 2 48.35 -10.56 14.68
C DAL B 2 48.94 -10.88 12.27
O DAL B 2 50.13 -10.77 12.59
N GLY B 3 48.54 -10.87 11.01
CA GLY B 3 49.47 -10.62 9.92
C GLY B 3 50.10 -9.24 9.98
C1 MEA B 4 51.47 -9.89 8.06
N MEA B 4 51.13 -9.03 9.18
CA MEA B 4 52.03 -7.89 9.35
C MEA B 4 52.63 -7.84 10.75
O MEA B 4 52.08 -7.18 11.64
CB MEA B 4 51.29 -6.59 9.05
CG MEA B 4 50.27 -6.70 7.95
CD1 MEA B 4 50.64 -6.62 6.61
CE1 MEA B 4 49.70 -6.72 5.59
CZ MEA B 4 48.36 -6.91 5.91
CE2 MEA B 4 47.98 -6.99 7.24
CD2 MEA B 4 48.93 -6.89 8.24
CA ETA B 5 54.47 -8.45 12.22
N ETA B 5 53.79 -8.46 10.93
C ETA B 5 54.03 -9.60 13.14
O ETA B 5 54.34 -10.86 12.45
N LEU C 5 12.06 19.78 -18.51
CA LEU C 5 11.45 18.72 -17.72
C LEU C 5 11.03 19.22 -16.34
N SER C 6 9.81 18.89 -15.94
CA SER C 6 9.27 19.21 -14.62
C SER C 6 9.27 20.72 -14.38
N ALA C 7 8.41 21.40 -15.15
CA ALA C 7 8.25 22.84 -15.00
C ALA C 7 7.40 23.16 -13.77
N GLU C 8 6.13 22.75 -13.81
CA GLU C 8 5.25 22.82 -12.65
C GLU C 8 5.03 21.46 -12.01
N ASP C 9 5.52 20.38 -12.62
CA ASP C 9 5.48 19.06 -12.01
C ASP C 9 6.39 18.98 -10.79
N LYS C 10 7.33 19.91 -10.65
CA LYS C 10 8.20 19.90 -9.49
C LYS C 10 7.42 20.12 -8.21
N ALA C 11 6.44 21.02 -8.23
CA ALA C 11 5.59 21.20 -7.06
C ALA C 11 4.62 20.05 -6.91
N ALA C 12 4.26 19.38 -8.02
CA ALA C 12 3.40 18.21 -7.94
C ALA C 12 4.15 17.00 -7.39
N VAL C 13 5.40 16.80 -7.84
CA VAL C 13 6.20 15.69 -7.33
C VAL C 13 6.50 15.89 -5.85
N GLU C 14 6.74 17.14 -5.44
CA GLU C 14 6.95 17.42 -4.01
C GLU C 14 5.71 17.07 -3.20
N ARG C 15 4.52 17.39 -3.71
CA ARG C 15 3.28 17.04 -3.02
C ARG C 15 3.09 15.53 -2.95
N SER C 16 3.46 14.81 -4.01
CA SER C 16 3.35 13.36 -3.98
C SER C 16 4.23 12.77 -2.90
N LYS C 17 5.44 13.30 -2.73
CA LYS C 17 6.35 12.81 -1.70
C LYS C 17 5.89 13.22 -0.31
N MET C 18 5.27 14.40 -0.19
CA MET C 18 4.83 14.86 1.12
C MET C 18 3.66 14.03 1.63
N ILE C 19 2.79 13.56 0.74
CA ILE C 19 1.70 12.68 1.15
C ILE C 19 2.15 11.22 1.14
N ASP C 20 3.20 10.88 0.39
CA ASP C 20 3.80 9.57 0.50
C ASP C 20 4.56 9.40 1.80
N ARG C 21 4.95 10.50 2.44
CA ARG C 21 5.58 10.44 3.75
C ARG C 21 4.57 10.18 4.86
N ASN C 22 3.36 10.73 4.73
CA ASN C 22 2.33 10.52 5.75
C ASN C 22 1.72 9.13 5.67
N LEU C 23 1.72 8.51 4.48
CA LEU C 23 1.30 7.12 4.41
C LEU C 23 2.27 6.23 5.17
N ARG C 24 3.58 6.48 5.01
CA ARG C 24 4.58 5.68 5.70
C ARG C 24 4.46 5.84 7.21
N GLU C 25 4.25 7.07 7.68
CA GLU C 25 4.20 7.31 9.12
C GLU C 25 2.90 6.79 9.72
N ASP C 26 1.83 6.72 8.93
CA ASP C 26 0.58 6.15 9.42
C ASP C 26 0.58 4.62 9.36
N GLY C 27 1.40 4.03 8.50
CA GLY C 27 1.54 2.59 8.46
C GLY C 27 2.42 2.04 9.56
N GLU C 28 3.32 2.86 10.10
CA GLU C 28 4.13 2.45 11.24
C GLU C 28 3.29 2.30 12.50
N LYS C 29 2.32 3.19 12.69
CA LYS C 29 1.37 3.04 13.79
C LYS C 29 0.56 1.76 13.65
N ALA C 30 0.03 1.51 12.45
CA ALA C 30 -0.83 0.34 12.26
C ALA C 30 -0.07 -0.96 12.45
N ALA C 31 1.22 -0.99 12.13
CA ALA C 31 1.98 -2.24 12.30
C ALA C 31 2.18 -2.60 13.77
N LYS C 32 2.04 -1.64 14.68
CA LYS C 32 2.15 -1.92 16.10
C LYS C 32 0.80 -2.34 16.69
N GLU C 33 -0.27 -2.22 15.91
CA GLU C 33 -1.61 -2.52 16.40
C GLU C 33 -1.79 -4.02 16.57
N VAL C 34 -2.44 -4.41 17.66
CA VAL C 34 -2.89 -5.78 17.84
C VAL C 34 -4.34 -5.89 17.37
N LYS C 35 -4.56 -6.67 16.32
CA LYS C 35 -5.87 -6.78 15.69
C LYS C 35 -6.53 -8.05 16.22
N LEU C 36 -7.72 -7.89 16.79
CA LEU C 36 -8.47 -9.00 17.38
C LEU C 36 -9.80 -9.16 16.67
N LEU C 37 -10.13 -10.40 16.28
CA LEU C 37 -11.39 -10.72 15.64
C LEU C 37 -12.23 -11.45 16.67
N LEU C 38 -13.33 -10.82 17.08
CA LEU C 38 -14.27 -11.38 18.04
C LEU C 38 -15.34 -12.17 17.31
N LEU C 39 -15.49 -13.44 17.68
CA LEU C 39 -16.51 -14.31 17.11
C LEU C 39 -17.32 -14.98 18.21
N GLY C 40 -18.42 -15.61 17.80
CA GLY C 40 -19.29 -16.35 18.69
C GLY C 40 -20.75 -16.20 18.34
N ALA C 41 -21.52 -17.27 18.52
CA ALA C 41 -22.98 -17.20 18.42
C ALA C 41 -23.54 -16.09 19.28
N GLY C 42 -24.62 -15.48 18.80
CA GLY C 42 -25.41 -14.53 19.56
C GLY C 42 -25.68 -14.96 20.99
N GLU C 43 -25.58 -14.03 21.94
CA GLU C 43 -25.81 -14.25 23.36
C GLU C 43 -24.76 -15.16 24.00
N SER C 44 -23.65 -15.43 23.32
CA SER C 44 -22.60 -16.25 23.90
C SER C 44 -21.81 -15.50 24.96
N GLY C 45 -21.97 -14.19 25.06
CA GLY C 45 -21.30 -13.39 26.06
C GLY C 45 -20.35 -12.41 25.42
N LYS C 46 -20.50 -12.20 24.12
CA LYS C 46 -19.56 -11.37 23.37
C LYS C 46 -19.62 -9.93 23.84
N SER C 47 -20.82 -9.35 23.93
CA SER C 47 -20.94 -7.95 24.35
C SER C 47 -20.56 -7.77 25.82
N THR C 48 -20.67 -8.84 26.63
CA THR C 48 -20.18 -8.77 27.99
C THR C 48 -18.65 -8.70 28.02
N ILE C 49 -17.99 -9.46 27.14
CA ILE C 49 -16.54 -9.38 27.02
C ILE C 49 -16.13 -7.98 26.60
N VAL C 50 -16.90 -7.36 25.69
CA VAL C 50 -16.58 -6.01 25.26
C VAL C 50 -16.65 -5.04 26.43
N LYS C 51 -17.71 -5.16 27.24
CA LYS C 51 -17.80 -4.34 28.45
C LYS C 51 -16.61 -4.58 29.36
N GLN C 52 -16.15 -5.84 29.47
CA GLN C 52 -15.04 -6.15 30.35
C GLN C 52 -13.74 -5.51 29.86
N MET C 53 -13.51 -5.50 28.55
CA MET C 53 -12.31 -4.92 27.98
C MET C 53 -12.42 -3.42 27.78
N LYS C 54 -13.49 -2.79 28.26
CA LYS C 54 -13.69 -1.36 28.20
C LYS C 54 -13.62 -0.75 29.60
N ILE C 55 -13.93 0.54 29.69
CA ILE C 55 -13.94 1.27 30.94
C ILE C 55 -14.61 0.47 32.05
N THR C 182 -25.18 -2.11 11.61
CA THR C 182 -24.07 -1.33 11.07
C THR C 182 -22.82 -2.17 10.98
N GLY C 183 -22.97 -3.36 10.41
CA GLY C 183 -21.85 -4.24 10.11
C GLY C 183 -20.84 -4.36 11.23
N ILE C 184 -19.61 -3.91 10.99
CA ILE C 184 -18.49 -4.27 11.85
C ILE C 184 -18.42 -3.26 13.00
N VAL C 185 -18.93 -3.66 14.16
CA VAL C 185 -18.77 -2.88 15.37
C VAL C 185 -17.35 -3.05 15.88
N GLU C 186 -16.71 -1.96 16.27
CA GLU C 186 -15.29 -1.95 16.56
C GLU C 186 -15.06 -1.31 17.93
N THR C 187 -14.05 -1.80 18.64
CA THR C 187 -13.61 -1.17 19.87
C THR C 187 -12.11 -1.34 20.04
N HIS C 188 -11.50 -0.37 20.71
CA HIS C 188 -10.07 -0.31 20.98
C HIS C 188 -9.84 0.02 22.43
N PHE C 189 -8.71 -0.43 22.96
CA PHE C 189 -8.38 -0.21 24.37
C PHE C 189 -6.88 -0.43 24.56
N THR C 190 -6.37 0.17 25.63
CA THR C 190 -4.96 0.08 25.99
C THR C 190 -4.76 -0.75 27.25
N PHE C 191 -3.70 -1.55 27.25
CA PHE C 191 -3.39 -2.40 28.39
C PHE C 191 -1.91 -2.75 28.37
N LYS C 192 -1.20 -2.42 29.44
CA LYS C 192 0.23 -2.69 29.54
C LYS C 192 1.01 -2.09 28.36
N ASP C 193 0.60 -0.90 27.95
CA ASP C 193 1.23 -0.13 26.87
C ASP C 193 1.03 -0.78 25.51
N LEU C 194 0.12 -1.73 25.38
CA LEU C 194 -0.24 -2.29 24.08
C LEU C 194 -1.59 -1.73 23.68
N TYR C 195 -1.69 -1.27 22.43
CA TYR C 195 -2.95 -0.79 21.90
C TYR C 195 -3.67 -1.93 21.18
N PHE C 196 -4.80 -2.35 21.74
CA PHE C 196 -5.58 -3.44 21.16
C PHE C 196 -6.66 -2.84 20.26
N LYS C 197 -6.89 -3.50 19.13
CA LYS C 197 -8.03 -3.20 18.27
C LYS C 197 -8.84 -4.46 18.06
N MET C 198 -10.09 -4.43 18.51
CA MET C 198 -10.99 -5.58 18.48
C MET C 198 -12.14 -5.29 17.53
N PHE C 199 -12.47 -6.26 16.69
CA PHE C 199 -13.53 -6.11 15.70
C PHE C 199 -14.59 -7.16 16.00
N ASP C 200 -15.82 -6.71 16.20
CA ASP C 200 -16.94 -7.59 16.45
C ASP C 200 -17.77 -7.63 15.18
N VAL C 201 -17.76 -8.77 14.49
CA VAL C 201 -18.47 -8.86 13.23
C VAL C 201 -19.93 -8.50 13.43
N GLY C 202 -20.50 -8.93 14.55
CA GLY C 202 -21.82 -8.44 14.93
C GLY C 202 -22.86 -8.93 13.94
N GLY C 203 -23.80 -8.03 13.62
CA GLY C 203 -24.79 -8.35 12.62
C GLY C 203 -24.21 -8.30 11.23
N GLN C 204 -24.09 -9.47 10.60
CA GLN C 204 -23.53 -9.57 9.25
C GLN C 204 -24.24 -10.76 8.59
N ARG C 205 -25.34 -10.45 7.91
CA ARG C 205 -26.19 -11.47 7.30
C ARG C 205 -25.75 -11.62 5.86
N SER C 206 -24.87 -12.59 5.64
CA SER C 206 -24.20 -12.78 4.36
C SER C 206 -23.35 -14.04 4.43
N GLU C 207 -22.72 -14.41 3.32
CA GLU C 207 -21.87 -15.59 3.32
C GLU C 207 -20.49 -15.22 3.87
N ARG C 208 -20.09 -15.88 4.95
CA ARG C 208 -18.79 -15.60 5.56
C ARG C 208 -17.67 -15.76 4.55
N LYS C 209 -17.76 -16.78 3.69
CA LYS C 209 -16.67 -17.11 2.79
C LYS C 209 -16.33 -15.96 1.85
N LYS C 210 -17.25 -15.03 1.65
CA LYS C 210 -17.01 -13.92 0.73
C LYS C 210 -16.29 -12.74 1.37
N TRP C 211 -16.37 -12.58 2.69
CA TRP C 211 -15.70 -11.48 3.37
C TRP C 211 -14.70 -11.92 4.43
N ILE C 212 -14.71 -13.18 4.84
CA ILE C 212 -13.85 -13.60 5.94
C ILE C 212 -12.37 -13.44 5.60
N HIS C 213 -12.00 -13.59 4.32
CA HIS C 213 -10.60 -13.45 3.95
C HIS C 213 -10.08 -12.04 4.21
N CYS C 214 -10.98 -11.08 4.39
CA CYS C 214 -10.55 -9.73 4.72
C CYS C 214 -9.81 -9.70 6.06
N PHE C 215 -10.13 -10.63 6.96
CA PHE C 215 -9.51 -10.66 8.28
C PHE C 215 -8.31 -11.60 8.34
N GLU C 216 -7.80 -12.04 7.20
CA GLU C 216 -6.50 -12.70 7.18
C GLU C 216 -5.45 -11.79 7.81
N GLY C 217 -4.64 -12.33 8.70
CA GLY C 217 -3.58 -11.56 9.31
C GLY C 217 -3.90 -10.96 10.66
N VAL C 218 -5.12 -11.13 11.18
CA VAL C 218 -5.41 -10.64 12.52
C VAL C 218 -4.49 -11.36 13.50
N THR C 219 -4.18 -10.68 14.61
CA THR C 219 -3.24 -11.23 15.57
C THR C 219 -3.82 -12.47 16.25
N ALA C 220 -5.07 -12.37 16.70
CA ALA C 220 -5.71 -13.45 17.43
C ALA C 220 -7.21 -13.40 17.21
N ILE C 221 -7.83 -14.56 17.31
CA ILE C 221 -9.29 -14.68 17.32
C ILE C 221 -9.73 -14.92 18.76
N ILE C 222 -10.77 -14.20 19.18
CA ILE C 222 -11.42 -14.46 20.46
C ILE C 222 -12.76 -15.08 20.16
N PHE C 223 -12.89 -16.37 20.48
CA PHE C 223 -14.09 -17.15 20.26
C PHE C 223 -14.82 -17.31 21.58
N CYS C 224 -16.01 -16.72 21.69
CA CYS C 224 -16.79 -16.80 22.92
C CYS C 224 -17.78 -17.96 22.84
N VAL C 225 -17.83 -18.77 23.89
CA VAL C 225 -18.77 -19.89 23.98
C VAL C 225 -19.55 -19.77 25.29
N ALA C 226 -20.88 -19.82 25.19
CA ALA C 226 -21.76 -19.85 26.36
C ALA C 226 -21.85 -21.28 26.89
N LEU C 227 -21.14 -21.56 27.99
CA LEU C 227 -21.20 -22.88 28.60
C LEU C 227 -22.63 -23.28 28.95
N SER C 228 -23.42 -22.35 29.47
CA SER C 228 -24.76 -22.67 29.95
C SER C 228 -25.76 -22.90 28.81
N ASP C 229 -25.35 -22.70 27.57
CA ASP C 229 -26.22 -23.01 26.42
C ASP C 229 -26.33 -24.50 26.14
N TYR C 230 -25.60 -25.35 26.87
CA TYR C 230 -25.51 -26.76 26.48
C TYR C 230 -26.85 -27.46 26.56
N ASP C 231 -27.73 -27.02 27.46
CA ASP C 231 -29.00 -27.70 27.71
C ASP C 231 -30.20 -26.98 27.11
N LEU C 232 -29.98 -26.03 26.21
CA LEU C 232 -31.09 -25.25 25.69
C LEU C 232 -31.92 -26.09 24.74
N VAL C 233 -33.24 -26.12 24.98
CA VAL C 233 -34.14 -26.91 24.15
C VAL C 233 -34.11 -26.45 22.70
N LEU C 234 -34.22 -27.41 21.79
CA LEU C 234 -34.27 -27.09 20.36
C LEU C 234 -35.46 -26.20 20.07
N ALA C 235 -35.28 -25.29 19.10
CA ALA C 235 -36.36 -24.44 18.63
C ALA C 235 -37.34 -25.25 17.80
N GLU C 236 -38.32 -24.55 17.22
CA GLU C 236 -39.39 -25.23 16.51
C GLU C 236 -38.84 -26.10 15.38
N ASP C 237 -38.02 -25.52 14.51
CA ASP C 237 -37.39 -26.26 13.42
C ASP C 237 -35.87 -26.31 13.59
N GLU C 238 -35.38 -26.15 14.81
CA GLU C 238 -33.94 -26.15 15.04
C GLU C 238 -33.36 -27.52 14.74
N GLU C 239 -32.24 -27.54 14.01
CA GLU C 239 -31.57 -28.79 13.66
C GLU C 239 -30.82 -29.37 14.86
N MET C 240 -30.00 -28.57 15.52
CA MET C 240 -29.17 -29.01 16.64
C MET C 240 -29.30 -28.01 17.79
N ASN C 241 -28.84 -28.44 18.96
CA ASN C 241 -28.91 -27.60 20.14
C ASN C 241 -27.89 -26.46 20.04
N ARG C 242 -28.02 -25.48 20.93
CA ARG C 242 -27.22 -24.28 20.85
C ARG C 242 -25.73 -24.60 20.95
N MET C 243 -25.37 -25.51 21.85
CA MET C 243 -23.96 -25.83 22.01
C MET C 243 -23.37 -26.46 20.75
N HIS C 244 -24.12 -27.36 20.10
CA HIS C 244 -23.61 -27.99 18.88
C HIS C 244 -23.49 -27.01 17.72
N GLU C 245 -24.38 -26.01 17.62
CA GLU C 245 -24.19 -25.00 16.57
C GLU C 245 -22.93 -24.18 16.83
N SER C 246 -22.67 -23.88 18.11
CA SER C 246 -21.43 -23.19 18.47
C SER C 246 -20.21 -24.02 18.12
N MET C 247 -20.26 -25.32 18.40
CA MET C 247 -19.15 -26.20 18.06
C MET C 247 -18.94 -26.22 16.55
N LYS C 248 -20.03 -26.23 15.78
CA LYS C 248 -19.92 -26.20 14.33
C LYS C 248 -19.26 -24.91 13.85
N LEU C 249 -19.64 -23.78 14.44
CA LEU C 249 -19.00 -22.52 14.07
C LEU C 249 -17.50 -22.56 14.36
N PHE C 250 -17.12 -23.14 15.50
CA PHE C 250 -15.71 -23.21 15.86
C PHE C 250 -14.92 -24.06 14.87
N ASP C 251 -15.46 -25.23 14.51
CA ASP C 251 -14.84 -26.05 13.48
C ASP C 251 -14.57 -25.27 12.21
N SER C 252 -15.57 -24.55 11.71
CA SER C 252 -15.40 -23.78 10.49
C SER C 252 -14.33 -22.70 10.62
N ILE C 253 -14.31 -22.00 11.76
CA ILE C 253 -13.35 -20.92 11.94
C ILE C 253 -11.95 -21.46 12.13
N CYS C 254 -11.78 -22.39 13.08
CA CYS C 254 -10.45 -22.87 13.40
C CYS C 254 -9.74 -23.44 12.18
N ASN C 255 -10.49 -24.10 11.29
CA ASN C 255 -9.92 -24.81 10.15
C ASN C 255 -9.97 -23.98 8.87
N ASN C 256 -10.32 -22.70 8.96
CA ASN C 256 -10.45 -21.87 7.78
C ASN C 256 -9.07 -21.65 7.17
N LYS C 257 -8.99 -21.74 5.84
CA LYS C 257 -7.70 -21.65 5.18
C LYS C 257 -7.01 -20.31 5.45
N TRP C 258 -7.78 -19.25 5.67
CA TRP C 258 -7.18 -17.95 5.95
C TRP C 258 -6.66 -17.84 7.37
N PHE C 259 -7.05 -18.74 8.27
CA PHE C 259 -6.69 -18.69 9.69
C PHE C 259 -5.77 -19.84 10.10
N THR C 260 -5.00 -20.40 9.16
CA THR C 260 -4.16 -21.54 9.48
C THR C 260 -3.13 -21.20 10.56
N GLU C 261 -2.49 -20.04 10.45
CA GLU C 261 -1.45 -19.62 11.38
C GLU C 261 -1.95 -18.62 12.43
N THR C 262 -3.22 -18.66 12.79
CA THR C 262 -3.77 -17.72 13.76
C THR C 262 -4.11 -18.40 15.08
N SER C 263 -3.65 -17.80 16.17
CA SER C 263 -3.96 -18.31 17.50
C SER C 263 -5.42 -18.06 17.83
N ILE C 264 -6.07 -19.08 18.39
CA ILE C 264 -7.47 -19.03 18.78
C ILE C 264 -7.56 -18.94 20.29
N ILE C 265 -8.18 -17.88 20.79
CA ILE C 265 -8.39 -17.71 22.22
C ILE C 265 -9.87 -18.01 22.48
N LEU C 266 -10.13 -18.90 23.43
CA LEU C 266 -11.48 -19.39 23.69
C LEU C 266 -11.92 -18.93 25.08
N PHE C 267 -12.95 -18.10 25.12
CA PHE C 267 -13.56 -17.68 26.39
C PHE C 267 -14.80 -18.53 26.62
N LEU C 268 -14.68 -19.54 27.49
CA LEU C 268 -15.83 -20.32 27.94
C LEU C 268 -16.54 -19.51 29.02
N ASN C 269 -17.61 -18.84 28.65
CA ASN C 269 -18.22 -17.78 29.44
C ASN C 269 -19.51 -18.25 30.12
N LYS C 270 -20.02 -17.38 31.00
CA LYS C 270 -21.24 -17.65 31.78
C LYS C 270 -21.08 -18.87 32.67
N LYS C 271 -19.90 -19.02 33.26
CA LYS C 271 -19.62 -20.12 34.16
C LYS C 271 -20.52 -20.10 35.40
N ASP C 272 -20.96 -18.92 35.83
CA ASP C 272 -21.82 -18.82 37.00
C ASP C 272 -23.16 -19.52 36.78
N LEU C 273 -23.80 -19.26 35.63
CA LEU C 273 -25.06 -19.92 35.30
C LEU C 273 -24.87 -21.42 35.17
N PHE C 274 -23.71 -21.84 34.67
CA PHE C 274 -23.43 -23.26 34.50
C PHE C 274 -23.48 -24.00 35.84
N GLU C 275 -22.96 -23.39 36.90
CA GLU C 275 -23.00 -24.03 38.22
C GLU C 275 -24.43 -24.24 38.71
N GLU C 276 -25.33 -23.30 38.43
CA GLU C 276 -26.72 -23.51 38.81
C GLU C 276 -27.40 -24.56 37.95
N LYS C 277 -27.17 -24.52 36.63
CA LYS C 277 -27.86 -25.45 35.74
C LYS C 277 -27.40 -26.87 35.94
N ILE C 278 -26.09 -27.08 36.16
CA ILE C 278 -25.55 -28.44 36.23
C ILE C 278 -26.04 -29.17 37.47
N LYS C 279 -26.54 -28.43 38.47
CA LYS C 279 -27.10 -29.08 39.65
C LYS C 279 -28.37 -29.87 39.34
N ARG C 280 -29.15 -29.43 38.36
CA ARG C 280 -30.45 -30.02 38.08
C ARG C 280 -30.59 -30.62 36.69
N SER C 281 -29.72 -30.26 35.75
CA SER C 281 -29.86 -30.69 34.35
C SER C 281 -28.58 -31.39 33.92
N PRO C 282 -28.61 -32.69 33.64
CA PRO C 282 -27.37 -33.40 33.38
C PRO C 282 -26.76 -33.04 32.04
N LEU C 283 -25.43 -33.15 31.97
CA LEU C 283 -24.71 -32.83 30.75
C LEU C 283 -25.06 -33.77 29.61
N THR C 284 -25.59 -34.94 29.91
CA THR C 284 -25.97 -35.90 28.87
C THR C 284 -27.06 -35.35 27.96
N ILE C 285 -27.85 -34.38 28.41
CA ILE C 285 -28.78 -33.69 27.52
C ILE C 285 -28.03 -33.12 26.32
N CYS C 286 -26.82 -32.61 26.56
CA CYS C 286 -26.00 -32.01 25.51
C CYS C 286 -25.10 -33.04 24.85
N TYR C 287 -24.51 -33.93 25.66
CA TYR C 287 -23.55 -34.93 25.20
C TYR C 287 -24.04 -36.28 25.68
N PRO C 288 -24.85 -36.98 24.87
CA PRO C 288 -25.43 -38.25 25.32
C PRO C 288 -24.38 -39.27 25.66
N GLU C 289 -23.20 -39.16 25.05
CA GLU C 289 -22.09 -40.07 25.31
C GLU C 289 -21.33 -39.76 26.59
N TYR C 290 -21.64 -38.66 27.28
CA TYR C 290 -20.90 -38.33 28.48
C TYR C 290 -21.24 -39.32 29.59
N THR C 291 -20.20 -39.95 30.15
CA THR C 291 -20.34 -40.96 31.18
C THR C 291 -19.80 -40.49 32.52
N GLY C 292 -19.34 -39.24 32.62
CA GLY C 292 -18.82 -38.70 33.85
C GLY C 292 -19.90 -38.26 34.82
N SER C 293 -19.48 -37.59 35.88
CA SER C 293 -20.37 -37.07 36.89
C SER C 293 -20.78 -35.64 36.54
N ASN C 294 -21.84 -35.19 37.21
CA ASN C 294 -22.31 -33.83 37.00
C ASN C 294 -21.69 -32.86 38.00
N THR C 295 -20.37 -32.95 38.15
CA THR C 295 -19.59 -31.92 38.83
C THR C 295 -19.14 -30.84 37.85
N TYR C 296 -18.88 -29.65 38.40
CA TYR C 296 -18.32 -28.57 37.59
C TYR C 296 -17.03 -29.02 36.92
N GLU C 297 -16.15 -29.65 37.68
CA GLU C 297 -14.81 -29.95 37.19
C GLU C 297 -14.85 -30.93 36.03
N GLU C 298 -15.61 -32.01 36.17
CA GLU C 298 -15.65 -33.02 35.10
C GLU C 298 -16.34 -32.48 33.86
N ALA C 299 -17.45 -31.76 34.04
CA ALA C 299 -18.18 -31.24 32.89
C ALA C 299 -17.41 -30.14 32.18
N ALA C 300 -16.78 -29.23 32.95
CA ALA C 300 -16.01 -28.16 32.32
C ALA C 300 -14.82 -28.71 31.56
N ALA C 301 -14.10 -29.67 32.15
CA ALA C 301 -12.95 -30.26 31.47
C ALA C 301 -13.37 -31.00 30.21
N TYR C 302 -14.49 -31.72 30.25
CA TYR C 302 -14.96 -32.43 29.07
C TYR C 302 -15.34 -31.49 27.95
N ILE C 303 -16.07 -30.42 28.26
CA ILE C 303 -16.46 -29.45 27.25
C ILE C 303 -15.23 -28.82 26.60
N GLN C 304 -14.27 -28.38 27.42
CA GLN C 304 -13.03 -27.83 26.89
C GLN C 304 -12.34 -28.80 25.95
N CYS C 305 -12.25 -30.07 26.36
CA CYS C 305 -11.63 -31.07 25.49
C CYS C 305 -12.41 -31.22 24.18
N GLN C 306 -13.74 -31.27 24.28
CA GLN C 306 -14.56 -31.43 23.08
C GLN C 306 -14.34 -30.29 22.09
N PHE C 307 -14.14 -29.06 22.58
CA PHE C 307 -13.89 -27.94 21.68
C PHE C 307 -12.49 -28.00 21.11
N GLU C 308 -11.50 -28.22 21.96
CA GLU C 308 -10.10 -28.22 21.52
C GLU C 308 -9.80 -29.39 20.58
N ASP C 309 -10.55 -30.49 20.71
CA ASP C 309 -10.34 -31.62 19.81
C ASP C 309 -10.72 -31.32 18.37
N LEU C 310 -11.50 -30.26 18.13
CA LEU C 310 -11.89 -29.93 16.77
C LEU C 310 -10.73 -29.35 15.97
N ASN C 311 -9.69 -28.86 16.63
CA ASN C 311 -8.53 -28.31 15.95
C ASN C 311 -7.75 -29.42 15.25
N ARG C 312 -7.79 -29.43 13.91
CA ARG C 312 -7.05 -30.43 13.15
C ARG C 312 -5.58 -30.07 12.93
N ARG C 313 -5.13 -28.92 13.44
CA ARG C 313 -3.76 -28.45 13.25
C ARG C 313 -3.15 -28.01 14.57
N LYS C 314 -3.28 -28.88 15.58
CA LYS C 314 -2.82 -28.55 16.92
C LYS C 314 -1.34 -28.19 16.95
N ASP C 315 -0.54 -28.86 16.12
CA ASP C 315 0.90 -28.65 16.14
C ASP C 315 1.31 -27.30 15.57
N THR C 316 0.53 -26.74 14.66
CA THR C 316 0.84 -25.45 14.06
C THR C 316 0.05 -24.30 14.64
N LYS C 317 -1.05 -24.59 15.34
CA LYS C 317 -1.95 -23.60 15.90
C LYS C 317 -2.21 -23.97 17.35
N GLU C 318 -2.21 -22.97 18.24
CA GLU C 318 -2.41 -23.22 19.66
C GLU C 318 -3.64 -22.45 20.13
N ILE C 319 -4.51 -23.14 20.86
CA ILE C 319 -5.71 -22.55 21.44
C ILE C 319 -5.46 -22.22 22.90
N TYR C 320 -5.85 -21.01 23.30
CA TYR C 320 -5.69 -20.52 24.67
C TYR C 320 -7.06 -20.49 25.32
N THR C 321 -7.33 -21.45 26.20
CA THR C 321 -8.66 -21.62 26.77
C THR C 321 -8.70 -20.99 28.16
N HIS C 322 -9.70 -20.14 28.39
CA HIS C 322 -9.91 -19.53 29.69
C HIS C 322 -11.35 -19.76 30.13
N PHE C 323 -11.54 -19.92 31.44
CA PHE C 323 -12.86 -20.11 32.03
C PHE C 323 -13.35 -18.80 32.67
N THR C 324 -13.73 -17.86 31.82
CA THR C 324 -14.17 -16.56 32.29
C THR C 324 -15.61 -16.62 32.79
N CYS C 325 -16.03 -15.53 33.43
CA CYS C 325 -17.39 -15.41 33.95
C CYS C 325 -17.83 -13.95 33.83
N ALA C 326 -18.97 -13.63 34.45
CA ALA C 326 -19.45 -12.25 34.44
C ALA C 326 -18.62 -11.35 35.36
N THR C 327 -17.96 -11.91 36.36
CA THR C 327 -17.17 -11.12 37.31
C THR C 327 -15.67 -11.24 37.05
N ASP C 328 -15.25 -12.23 36.28
CA ASP C 328 -13.83 -12.44 36.02
C ASP C 328 -13.19 -11.18 35.47
N THR C 329 -12.01 -10.84 36.00
CA THR C 329 -11.27 -9.67 35.57
C THR C 329 -9.90 -10.00 35.01
N LYS C 330 -9.38 -11.19 35.25
CA LYS C 330 -8.09 -11.61 34.74
C LYS C 330 -8.14 -12.02 33.27
N ASN C 331 -9.33 -11.98 32.66
CA ASN C 331 -9.48 -12.38 31.27
C ASN C 331 -8.77 -11.43 30.32
N VAL C 332 -8.79 -10.13 30.63
CA VAL C 332 -8.03 -9.17 29.81
C VAL C 332 -6.55 -9.47 29.92
N GLN C 333 -6.10 -9.87 31.12
CA GLN C 333 -4.72 -10.30 31.30
C GLN C 333 -4.44 -11.57 30.52
N PHE C 334 -5.41 -12.48 30.48
CA PHE C 334 -5.22 -13.71 29.73
C PHE C 334 -5.04 -13.43 28.24
N VAL C 335 -5.85 -12.52 27.69
CA VAL C 335 -5.70 -12.19 26.29
C VAL C 335 -4.37 -11.47 26.05
N PHE C 336 -3.94 -10.65 27.00
CA PHE C 336 -2.64 -10.00 26.88
C PHE C 336 -1.52 -11.01 26.87
N ASP C 337 -1.59 -12.01 27.76
CA ASP C 337 -0.56 -13.04 27.80
C ASP C 337 -0.54 -13.88 26.53
N ALA C 338 -1.73 -14.24 26.03
CA ALA C 338 -1.81 -15.01 24.80
C ALA C 338 -1.28 -14.22 23.60
N VAL C 339 -1.60 -12.93 23.54
CA VAL C 339 -1.11 -12.08 22.46
C VAL C 339 0.40 -11.93 22.52
N THR C 340 0.96 -11.83 23.73
CA THR C 340 2.41 -11.71 23.86
C THR C 340 3.12 -12.93 23.28
N ASP C 341 2.60 -14.12 23.53
CA ASP C 341 3.20 -15.31 22.93
C ASP C 341 3.12 -15.25 21.41
N VAL C 342 2.00 -14.75 20.87
CA VAL C 342 1.87 -14.63 19.43
C VAL C 342 2.93 -13.68 18.87
N ILE C 343 3.18 -12.58 19.57
CA ILE C 343 4.21 -11.64 19.14
C ILE C 343 5.57 -12.31 19.14
N ILE C 344 5.86 -13.14 20.14
CA ILE C 344 7.11 -13.86 20.20
C ILE C 344 7.28 -14.77 18.98
N LYS C 345 6.21 -15.47 18.59
CA LYS C 345 6.27 -16.34 17.42
C LYS C 345 6.55 -15.53 16.16
N ASN C 346 5.91 -14.37 16.01
CA ASN C 346 6.16 -13.55 14.84
C ASN C 346 7.59 -13.04 14.80
N ASN C 347 8.12 -12.58 15.93
CA ASN C 347 9.49 -12.09 15.96
C ASN C 347 10.48 -13.21 15.70
N LEU C 348 10.22 -14.39 16.25
CA LEU C 348 11.06 -15.55 15.97
C LEU C 348 10.97 -15.92 14.48
N LYS C 349 9.77 -15.83 13.91
CA LYS C 349 9.61 -16.06 12.48
C LYS C 349 10.39 -15.02 11.68
N GLU C 350 10.29 -13.76 12.07
CA GLU C 350 10.95 -12.68 11.34
C GLU C 350 12.47 -12.76 11.49
N CYS C 351 12.95 -13.02 12.72
CA CYS C 351 14.38 -13.05 12.98
C CYS C 351 15.07 -14.28 12.40
N GLY C 352 14.34 -15.15 11.72
CA GLY C 352 14.90 -16.33 11.10
C GLY C 352 14.96 -17.55 11.99
N LEU C 353 14.72 -17.39 13.29
CA LEU C 353 14.72 -18.52 14.21
C LEU C 353 13.49 -19.42 14.07
N TYR C 354 12.62 -19.12 13.10
CA TYR C 354 11.41 -19.91 12.89
C TYR C 354 10.78 -19.62 11.54
N SER D 10 -52.09 -27.33 -0.87
CA SER D 10 -51.04 -27.63 -1.85
C SER D 10 -50.88 -26.49 -2.85
N GLU D 11 -51.12 -25.26 -2.40
CA GLU D 11 -50.88 -24.10 -3.25
C GLU D 11 -49.40 -23.96 -3.57
N LEU D 12 -48.54 -24.13 -2.56
CA LEU D 12 -47.09 -24.09 -2.81
C LEU D 12 -46.66 -25.21 -3.74
N ASP D 13 -47.37 -26.35 -3.72
CA ASP D 13 -47.07 -27.43 -4.65
C ASP D 13 -47.46 -27.07 -6.07
N GLN D 14 -48.66 -26.52 -6.26
CA GLN D 14 -49.10 -26.17 -7.60
C GLN D 14 -48.22 -25.09 -8.23
N LEU D 15 -47.71 -24.16 -7.42
CA LEU D 15 -46.85 -23.12 -7.94
C LEU D 15 -45.45 -23.64 -8.25
N ARG D 16 -44.88 -24.46 -7.35
CA ARG D 16 -43.56 -25.00 -7.57
C ARG D 16 -43.53 -25.88 -8.81
N GLN D 17 -44.64 -26.53 -9.15
CA GLN D 17 -44.69 -27.33 -10.37
C GLN D 17 -44.90 -26.46 -11.61
N GLU D 18 -45.66 -25.36 -11.47
CA GLU D 18 -45.87 -24.46 -12.59
C GLU D 18 -44.57 -23.75 -12.98
N ALA D 19 -43.74 -23.43 -12.00
CA ALA D 19 -42.45 -22.82 -12.31
C ALA D 19 -41.57 -23.75 -13.13
N GLU D 20 -41.68 -25.06 -12.88
CA GLU D 20 -40.91 -26.02 -13.67
C GLU D 20 -41.37 -26.03 -15.13
N GLN D 21 -42.67 -25.88 -15.36
CA GLN D 21 -43.16 -25.83 -16.73
C GLN D 21 -42.71 -24.56 -17.43
N LEU D 22 -42.71 -23.43 -16.72
CA LEU D 22 -42.24 -22.18 -17.31
C LEU D 22 -40.75 -22.24 -17.63
N LYS D 23 -39.95 -22.84 -16.73
CA LYS D 23 -38.54 -23.05 -17.03
C LYS D 23 -38.34 -23.89 -18.28
N ASN D 24 -39.16 -24.93 -18.45
CA ASN D 24 -39.02 -25.77 -19.63
C ASN D 24 -39.41 -25.02 -20.89
N GLN D 25 -40.46 -24.18 -20.82
CA GLN D 25 -40.80 -23.33 -21.94
C GLN D 25 -39.65 -22.39 -22.31
N ILE D 26 -39.06 -21.74 -21.30
CA ILE D 26 -37.96 -20.81 -21.56
C ILE D 26 -36.74 -21.54 -22.09
N ARG D 27 -36.38 -22.67 -21.45
CA ARG D 27 -35.28 -23.48 -21.97
C ARG D 27 -35.52 -23.89 -23.42
N ASP D 28 -36.75 -24.30 -23.74
CA ASP D 28 -37.06 -24.71 -25.11
C ASP D 28 -36.99 -23.54 -26.07
N ALA D 29 -37.50 -22.36 -25.66
CA ALA D 29 -37.40 -21.18 -26.51
C ALA D 29 -35.95 -20.83 -26.80
N ARG D 30 -35.08 -20.94 -25.80
CA ARG D 30 -33.67 -20.65 -26.03
C ARG D 30 -33.06 -21.67 -26.97
N LYS D 31 -33.36 -22.96 -26.75
CA LYS D 31 -32.91 -23.99 -27.67
C LYS D 31 -33.44 -23.76 -29.08
N ALA D 32 -34.67 -23.27 -29.18
CA ALA D 32 -35.28 -23.06 -30.49
C ALA D 32 -34.53 -22.04 -31.33
N CYS D 33 -33.98 -21.01 -30.70
CA CYS D 33 -33.23 -19.99 -31.42
C CYS D 33 -31.72 -20.18 -31.34
N ALA D 34 -31.26 -21.30 -30.79
CA ALA D 34 -29.84 -21.66 -30.84
C ALA D 34 -29.52 -22.40 -32.14
N ASP D 35 -29.67 -21.67 -33.25
CA ASP D 35 -29.45 -22.28 -34.56
C ASP D 35 -27.98 -22.47 -34.88
N ALA D 36 -27.08 -21.79 -34.19
CA ALA D 36 -25.65 -21.96 -34.40
C ALA D 36 -24.93 -21.58 -33.11
N THR D 37 -23.61 -21.77 -33.11
CA THR D 37 -22.77 -21.33 -32.00
C THR D 37 -21.80 -20.26 -32.48
N LEU D 38 -21.50 -19.31 -31.60
CA LEU D 38 -20.51 -18.29 -31.91
C LEU D 38 -19.19 -18.92 -32.36
N SER D 39 -18.82 -20.03 -31.73
CA SER D 39 -17.52 -20.66 -32.02
C SER D 39 -17.41 -21.09 -33.47
N GLN D 40 -18.47 -21.72 -34.00
CA GLN D 40 -18.42 -22.16 -35.40
C GLN D 40 -18.55 -20.98 -36.35
N ILE D 41 -19.22 -19.91 -35.93
CA ILE D 41 -19.33 -18.71 -36.75
C ILE D 41 -17.97 -18.03 -36.97
N THR D 42 -17.09 -18.10 -35.98
CA THR D 42 -15.82 -17.38 -36.02
C THR D 42 -14.62 -18.20 -36.51
N ASN D 43 -14.83 -19.45 -36.97
CA ASN D 43 -13.68 -20.24 -37.39
C ASN D 43 -12.88 -19.56 -38.48
N ASN D 44 -13.53 -18.77 -39.34
CA ASN D 44 -12.85 -18.21 -40.49
C ASN D 44 -11.96 -17.02 -40.18
N ILE D 45 -12.21 -16.31 -39.07
CA ILE D 45 -11.50 -15.05 -38.85
C ILE D 45 -10.10 -15.35 -38.30
N ASP D 46 -9.17 -14.42 -38.56
CA ASP D 46 -7.79 -14.64 -38.16
C ASP D 46 -7.66 -14.55 -36.63
N PRO D 47 -6.79 -15.36 -36.03
CA PRO D 47 -6.48 -15.20 -34.61
C PRO D 47 -5.75 -13.89 -34.34
N VAL D 48 -5.79 -13.47 -33.07
CA VAL D 48 -5.15 -12.20 -32.72
C VAL D 48 -3.63 -12.36 -32.67
N GLY D 49 -3.14 -13.55 -32.34
CA GLY D 49 -1.72 -13.84 -32.34
C GLY D 49 -0.95 -13.35 -31.13
N ARG D 50 0.28 -12.90 -31.36
CA ARG D 50 1.22 -12.59 -30.28
C ARG D 50 0.73 -11.37 -29.50
N ILE D 51 0.24 -11.62 -28.29
CA ILE D 51 -0.08 -10.56 -27.34
C ILE D 51 1.06 -10.52 -26.32
N GLN D 52 1.98 -9.58 -26.50
CA GLN D 52 3.15 -9.41 -25.65
C GLN D 52 2.98 -8.08 -24.92
N MET D 53 2.30 -8.13 -23.77
CA MET D 53 2.04 -6.97 -22.93
C MET D 53 3.17 -6.82 -21.91
N ARG D 54 3.57 -5.57 -21.67
CA ARG D 54 4.63 -5.29 -20.71
C ARG D 54 4.14 -4.33 -19.64
N THR D 55 4.67 -4.50 -18.43
CA THR D 55 4.48 -3.56 -17.34
C THR D 55 5.19 -2.25 -17.65
N ARG D 56 4.42 -1.16 -17.76
CA ARG D 56 5.00 0.15 -17.95
C ARG D 56 5.07 0.98 -16.67
N ARG D 57 4.31 0.63 -15.64
CA ARG D 57 4.33 1.39 -14.39
C ARG D 57 3.99 0.45 -13.25
N THR D 58 4.65 0.66 -12.10
CA THR D 58 4.25 0.04 -10.85
C THR D 58 3.92 1.15 -9.85
N LEU D 59 2.66 1.18 -9.41
CA LEU D 59 2.20 2.22 -8.48
C LEU D 59 2.39 1.70 -7.06
N ARG D 60 3.34 2.27 -6.34
CA ARG D 60 3.74 1.81 -5.01
C ARG D 60 3.26 2.82 -3.97
N GLY D 61 2.83 2.30 -2.81
CA GLY D 61 2.50 3.17 -1.70
C GLY D 61 1.39 2.63 -0.82
N HIS D 62 0.52 1.79 -1.36
CA HIS D 62 -0.41 1.06 -0.51
C HIS D 62 0.35 0.09 0.39
N LEU D 63 -0.20 -0.14 1.58
CA LEU D 63 0.45 -0.98 2.59
C LEU D 63 -0.42 -2.14 3.03
N ALA D 64 -1.42 -2.51 2.23
CA ALA D 64 -2.26 -3.66 2.51
C ALA D 64 -2.87 -4.14 1.21
N LYS D 65 -3.74 -5.15 1.30
CA LYS D 65 -4.36 -5.70 0.10
C LYS D 65 -5.18 -4.63 -0.61
N ILE D 66 -5.07 -4.61 -1.93
CA ILE D 66 -5.94 -3.80 -2.77
C ILE D 66 -7.11 -4.65 -3.26
N TYR D 67 -8.32 -4.11 -3.09
CA TYR D 67 -9.54 -4.79 -3.55
C TYR D 67 -10.22 -4.11 -4.72
N ALA D 68 -9.95 -2.85 -5.00
CA ALA D 68 -10.67 -2.18 -6.07
C ALA D 68 -9.87 -1.00 -6.58
N MET D 69 -10.17 -0.64 -7.82
CA MET D 69 -9.65 0.56 -8.46
C MET D 69 -10.65 0.98 -9.54
N HIS D 70 -10.53 2.20 -10.01
CA HIS D 70 -11.40 2.66 -11.08
C HIS D 70 -10.72 3.78 -11.84
N TRP D 71 -10.64 3.62 -13.16
CA TRP D 71 -10.10 4.67 -14.02
C TRP D 71 -11.04 5.87 -14.06
N GLY D 72 -10.46 7.06 -14.03
CA GLY D 72 -11.21 8.24 -14.40
C GLY D 72 -11.49 8.27 -15.90
N THR D 73 -12.45 9.10 -16.29
CA THR D 73 -12.86 9.10 -17.69
C THR D 73 -11.85 9.77 -18.60
N ASP D 74 -10.84 10.44 -18.06
CA ASP D 74 -9.75 10.99 -18.87
C ASP D 74 -8.67 9.97 -19.16
N SER D 75 -8.81 8.73 -18.70
CA SER D 75 -7.88 7.65 -18.93
C SER D 75 -6.49 7.92 -18.33
N ARG D 76 -6.39 8.84 -17.38
CA ARG D 76 -5.10 9.17 -16.78
C ARG D 76 -5.13 9.03 -15.27
N LEU D 77 -6.11 9.62 -14.61
CA LEU D 77 -6.28 9.45 -13.17
C LEU D 77 -6.94 8.12 -12.88
N LEU D 78 -6.58 7.52 -11.74
CA LEU D 78 -7.28 6.35 -11.25
C LEU D 78 -7.27 6.39 -9.73
N VAL D 79 -8.26 5.74 -9.14
CA VAL D 79 -8.40 5.65 -7.69
C VAL D 79 -8.27 4.20 -7.27
N SER D 80 -7.64 3.96 -6.13
CA SER D 80 -7.54 2.62 -5.58
C SER D 80 -7.92 2.65 -4.11
N ALA D 81 -8.48 1.53 -3.66
CA ALA D 81 -8.97 1.36 -2.29
C ALA D 81 -8.32 0.15 -1.66
N SER D 82 -7.79 0.31 -0.45
CA SER D 82 -7.08 -0.78 0.21
C SER D 82 -7.49 -0.81 1.68
N GLN D 83 -7.32 -1.97 2.31
CA GLN D 83 -7.61 -2.14 3.73
C GLN D 83 -6.65 -1.41 4.66
N ASP D 84 -5.67 -0.66 4.16
CA ASP D 84 -4.95 0.21 5.07
C ASP D 84 -5.75 1.47 5.42
N GLY D 85 -7.01 1.52 5.02
CA GLY D 85 -7.85 2.68 5.28
C GLY D 85 -7.57 3.88 4.44
N LYS D 86 -6.91 3.70 3.29
CA LYS D 86 -6.55 4.81 2.42
C LYS D 86 -7.22 4.67 1.06
N LEU D 87 -7.76 5.79 0.56
CA LEU D 87 -8.18 5.92 -0.83
C LEU D 87 -7.19 6.85 -1.52
N ILE D 88 -6.40 6.31 -2.44
CA ILE D 88 -5.34 7.06 -3.13
C ILE D 88 -5.78 7.31 -4.57
N ILE D 89 -5.65 8.56 -5.01
CA ILE D 89 -5.85 8.93 -6.41
C ILE D 89 -4.49 9.10 -7.06
N TRP D 90 -4.24 8.37 -8.14
CA TRP D 90 -2.95 8.35 -8.81
C TRP D 90 -3.03 9.02 -10.17
N ASP D 91 -2.00 9.80 -10.51
CA ASP D 91 -1.72 10.19 -11.88
C ASP D 91 -0.90 9.08 -12.53
N SER D 92 -1.53 8.27 -13.36
CA SER D 92 -0.83 7.09 -13.88
C SER D 92 0.29 7.47 -14.84
N TYR D 93 0.25 8.67 -15.42
CA TYR D 93 1.32 9.05 -16.34
C TYR D 93 2.62 9.31 -15.60
N THR D 94 2.54 10.03 -14.48
CA THR D 94 3.72 10.35 -13.68
C THR D 94 3.91 9.44 -12.48
N THR D 95 2.87 8.69 -12.10
CA THR D 95 2.77 7.94 -10.85
C THR D 95 2.59 8.82 -9.63
N ASN D 96 2.50 10.14 -9.79
CA ASN D 96 2.25 11.01 -8.66
C ASN D 96 0.93 10.67 -7.98
N LYS D 97 0.94 10.68 -6.65
CA LYS D 97 -0.30 10.61 -5.88
C LYS D 97 -0.94 11.99 -5.83
N VAL D 98 -2.17 12.09 -6.35
CA VAL D 98 -2.87 13.38 -6.35
C VAL D 98 -3.54 13.62 -5.00
N HIS D 99 -4.23 12.61 -4.47
CA HIS D 99 -4.88 12.70 -3.17
C HIS D 99 -4.70 11.38 -2.42
N ALA D 100 -4.60 11.47 -1.10
CA ALA D 100 -4.70 10.31 -0.23
C ALA D 100 -5.82 10.57 0.78
N ILE D 101 -6.93 9.86 0.63
CA ILE D 101 -8.15 10.13 1.39
C ILE D 101 -8.21 9.13 2.55
N PRO D 102 -8.25 9.58 3.80
CA PRO D 102 -8.35 8.66 4.94
C PRO D 102 -9.79 8.23 5.21
N LEU D 103 -10.04 6.93 5.24
CA LEU D 103 -11.39 6.40 5.37
C LEU D 103 -11.75 6.23 6.83
N ARG D 104 -13.01 6.54 7.16
CA ARG D 104 -13.48 6.36 8.53
C ARG D 104 -13.53 4.88 8.90
N SER D 105 -13.88 4.02 7.96
CA SER D 105 -13.83 2.58 8.14
C SER D 105 -12.89 2.01 7.10
N SER D 106 -11.96 1.18 7.54
CA SER D 106 -10.91 0.64 6.67
C SER D 106 -11.34 -0.62 5.95
N TRP D 107 -12.53 -1.14 6.23
CA TRP D 107 -12.96 -2.44 5.70
C TRP D 107 -13.67 -2.25 4.36
N VAL D 108 -12.96 -1.65 3.43
CA VAL D 108 -13.52 -1.27 2.15
C VAL D 108 -13.43 -2.46 1.19
N MET D 109 -14.39 -2.54 0.27
CA MET D 109 -14.41 -3.58 -0.74
C MET D 109 -14.54 -3.03 -2.15
N THR D 110 -14.91 -1.76 -2.31
CA THR D 110 -15.17 -1.19 -3.63
C THR D 110 -14.82 0.29 -3.62
N CYS D 111 -14.51 0.80 -4.80
CA CYS D 111 -14.39 2.24 -5.02
C CYS D 111 -14.84 2.55 -6.43
N ALA D 112 -15.13 3.83 -6.66
CA ALA D 112 -15.63 4.25 -7.96
C ALA D 112 -15.22 5.70 -8.21
N TYR D 113 -15.00 6.00 -9.48
CA TYR D 113 -14.70 7.35 -9.95
C TYR D 113 -15.91 7.89 -10.69
N ALA D 114 -16.37 9.07 -10.29
CA ALA D 114 -17.48 9.68 -10.99
C ALA D 114 -17.06 10.02 -12.42
N PRO D 115 -17.94 9.83 -13.40
CA PRO D 115 -17.55 10.13 -14.79
C PRO D 115 -17.14 11.58 -14.98
N SER D 116 -17.69 12.49 -14.17
CA SER D 116 -17.27 13.89 -14.23
C SER D 116 -15.89 14.10 -13.65
N GLY D 117 -15.38 13.15 -12.86
CA GLY D 117 -14.17 13.35 -12.09
C GLY D 117 -14.32 14.15 -10.82
N ASN D 118 -15.53 14.57 -10.47
CA ASN D 118 -15.73 15.45 -9.32
C ASN D 118 -15.85 14.69 -8.01
N TYR D 119 -16.11 13.39 -8.04
CA TYR D 119 -16.42 12.62 -6.85
C TYR D 119 -15.81 11.23 -6.94
N VAL D 120 -15.49 10.67 -5.77
CA VAL D 120 -15.26 9.24 -5.64
C VAL D 120 -16.22 8.70 -4.60
N ALA D 121 -16.38 7.38 -4.61
CA ALA D 121 -17.21 6.66 -3.67
C ALA D 121 -16.47 5.44 -3.16
N CYS D 122 -16.87 4.97 -1.98
CA CYS D 122 -16.35 3.70 -1.49
C CYS D 122 -17.27 3.18 -0.40
N GLY D 123 -16.95 2.01 0.11
CA GLY D 123 -17.70 1.39 1.18
C GLY D 123 -17.36 -0.08 1.26
N GLY D 124 -17.97 -0.75 2.21
CA GLY D 124 -17.62 -2.14 2.49
C GLY D 124 -18.38 -2.77 3.63
N LEU D 125 -17.64 -3.38 4.56
CA LEU D 125 -18.28 -4.08 5.67
C LEU D 125 -18.94 -3.14 6.65
N ASP D 126 -18.77 -1.83 6.50
CA ASP D 126 -19.54 -0.86 7.27
C ASP D 126 -20.96 -0.70 6.74
N ASN D 127 -21.28 -1.30 5.60
CA ASN D 127 -22.59 -1.21 4.95
C ASN D 127 -22.95 0.19 4.50
N ILE D 128 -21.96 1.06 4.32
CA ILE D 128 -22.19 2.46 3.97
C ILE D 128 -21.41 2.76 2.70
N CYS D 129 -22.05 3.49 1.78
CA CYS D 129 -21.39 4.05 0.61
C CYS D 129 -21.12 5.53 0.85
N SER D 130 -19.85 5.87 1.06
CA SER D 130 -19.46 7.24 1.34
C SER D 130 -19.05 7.95 0.05
N ILE D 131 -19.57 9.17 -0.13
CA ILE D 131 -19.29 9.99 -1.30
C ILE D 131 -18.32 11.09 -0.88
N TYR D 132 -17.26 11.29 -1.67
CA TYR D 132 -16.18 12.20 -1.35
C TYR D 132 -16.05 13.27 -2.41
N ASN D 133 -16.08 14.53 -1.99
CA ASN D 133 -15.96 15.66 -2.90
C ASN D 133 -14.48 15.96 -3.12
N LEU D 134 -14.02 15.82 -4.35
CA LEU D 134 -12.63 16.03 -4.71
C LEU D 134 -12.31 17.47 -5.08
N LYS D 135 -13.32 18.32 -5.20
CA LYS D 135 -13.13 19.68 -5.73
C LYS D 135 -13.63 20.73 -4.76
N THR D 136 -13.18 20.69 -3.51
CA THR D 136 -13.67 21.63 -2.53
C THR D 136 -12.92 22.95 -2.61
N ARG D 137 -13.59 24.02 -2.17
CA ARG D 137 -12.92 25.29 -1.97
C ARG D 137 -11.90 25.18 -0.85
N GLU D 138 -12.15 24.30 0.11
CA GLU D 138 -11.30 24.16 1.29
C GLU D 138 -9.93 23.62 0.93
N GLY D 139 -9.80 22.94 -0.20
CA GLY D 139 -8.53 22.44 -0.68
C GLY D 139 -8.27 20.99 -0.35
N ASN D 140 -9.02 20.42 0.61
CA ASN D 140 -8.93 19.01 0.93
C ASN D 140 -10.18 18.27 0.44
N VAL D 141 -10.11 16.95 0.54
CA VAL D 141 -11.23 16.07 0.15
C VAL D 141 -12.14 15.90 1.35
N ARG D 142 -13.45 16.03 1.13
CA ARG D 142 -14.43 15.92 2.20
C ARG D 142 -15.49 14.89 1.87
N VAL D 143 -15.90 14.13 2.88
CA VAL D 143 -17.09 13.29 2.76
C VAL D 143 -18.30 14.19 2.54
N SER D 144 -18.96 14.01 1.40
CA SER D 144 -20.18 14.76 1.10
C SER D 144 -21.46 14.01 1.44
N ARG D 145 -21.45 12.68 1.40
CA ARG D 145 -22.65 11.91 1.71
C ARG D 145 -22.25 10.54 2.24
N GLU D 146 -23.02 10.05 3.21
CA GLU D 146 -22.94 8.66 3.65
C GLU D 146 -24.27 7.99 3.34
N LEU D 147 -24.29 7.16 2.31
CA LEU D 147 -25.50 6.50 1.86
C LEU D 147 -25.76 5.26 2.71
N ALA D 148 -26.75 5.35 3.60
CA ALA D 148 -27.06 4.30 4.56
C ALA D 148 -28.40 3.65 4.22
N GLY D 149 -28.50 2.36 4.48
CA GLY D 149 -29.73 1.64 4.24
C GLY D 149 -29.55 0.19 3.81
N HIS D 150 -28.43 -0.13 3.17
CA HIS D 150 -28.11 -1.54 2.95
C HIS D 150 -27.87 -2.22 4.30
N THR D 151 -28.18 -3.51 4.36
CA THR D 151 -28.01 -4.31 5.57
C THR D 151 -26.91 -5.34 5.45
N GLY D 152 -26.17 -5.35 4.34
CA GLY D 152 -24.98 -6.16 4.21
C GLY D 152 -23.87 -5.37 3.55
N TYR D 153 -22.71 -6.01 3.42
CA TYR D 153 -21.54 -5.29 2.95
C TYR D 153 -21.77 -4.77 1.53
N LEU D 154 -21.13 -3.63 1.23
CA LEU D 154 -21.15 -3.06 -0.10
C LEU D 154 -20.12 -3.78 -0.97
N SER D 155 -20.59 -4.43 -2.03
CA SER D 155 -19.73 -5.21 -2.90
C SER D 155 -19.34 -4.46 -4.17
N CYS D 156 -20.13 -3.46 -4.58
CA CYS D 156 -19.86 -2.73 -5.81
C CYS D 156 -20.67 -1.45 -5.81
N CYS D 157 -20.20 -0.48 -6.59
CA CYS D 157 -20.92 0.77 -6.77
C CYS D 157 -20.44 1.41 -8.07
N ARG D 158 -21.35 2.13 -8.72
CA ARG D 158 -21.05 2.81 -9.97
C ARG D 158 -21.87 4.08 -10.07
N PHE D 159 -21.21 5.20 -10.35
CA PHE D 159 -21.95 6.44 -10.58
C PHE D 159 -22.71 6.37 -11.89
N LEU D 160 -23.94 6.87 -11.89
CA LEU D 160 -24.63 7.22 -13.12
C LEU D 160 -24.28 8.64 -13.56
N ASP D 161 -24.20 9.55 -12.60
CA ASP D 161 -23.79 10.93 -12.78
C ASP D 161 -23.47 11.48 -11.40
N ASP D 162 -23.30 12.81 -11.31
CA ASP D 162 -22.91 13.39 -10.02
C ASP D 162 -23.99 13.28 -8.96
N ASN D 163 -25.24 13.00 -9.34
CA ASN D 163 -26.32 12.90 -8.37
C ASN D 163 -26.95 11.53 -8.23
N GLN D 164 -26.52 10.54 -9.01
CA GLN D 164 -27.10 9.21 -8.89
C GLN D 164 -26.01 8.16 -8.92
N ILE D 165 -26.16 7.13 -8.10
CA ILE D 165 -25.18 6.06 -7.97
C ILE D 165 -25.93 4.76 -7.71
N VAL D 166 -25.44 3.67 -8.29
CA VAL D 166 -26.01 2.35 -8.07
CA VAL D 166 -25.99 2.34 -8.09
C VAL D 166 -25.04 1.55 -7.20
N THR D 167 -25.60 0.80 -6.25
CA THR D 167 -24.81 0.03 -5.31
C THR D 167 -25.27 -1.42 -5.35
N SER D 168 -24.36 -2.32 -5.02
CA SER D 168 -24.69 -3.71 -4.79
C SER D 168 -24.28 -4.07 -3.37
N SER D 169 -24.98 -5.04 -2.78
CA SER D 169 -24.81 -5.32 -1.37
C SER D 169 -24.95 -6.81 -1.11
N GLY D 170 -24.25 -7.28 -0.07
CA GLY D 170 -24.46 -8.61 0.46
C GLY D 170 -25.87 -8.88 0.96
N ASP D 171 -26.69 -7.85 1.15
CA ASP D 171 -28.07 -8.12 1.54
C ASP D 171 -28.90 -8.69 0.40
N THR D 172 -28.27 -8.96 -0.74
CA THR D 172 -28.87 -9.57 -1.94
C THR D 172 -29.66 -8.56 -2.77
N THR D 173 -29.64 -7.28 -2.42
CA THR D 173 -30.32 -6.27 -3.20
C THR D 173 -29.31 -5.38 -3.90
N CYS D 174 -29.79 -4.66 -4.92
CA CYS D 174 -29.12 -3.51 -5.48
C CYS D 174 -30.00 -2.29 -5.26
N ALA D 175 -29.41 -1.11 -5.37
CA ALA D 175 -30.16 0.10 -5.08
C ALA D 175 -29.70 1.25 -5.95
N LEU D 176 -30.65 2.09 -6.33
CA LEU D 176 -30.37 3.38 -6.96
C LEU D 176 -30.55 4.47 -5.90
N TRP D 177 -29.55 5.32 -5.75
CA TRP D 177 -29.55 6.34 -4.70
C TRP D 177 -29.62 7.72 -5.33
N ASP D 178 -30.37 8.61 -4.69
CA ASP D 178 -30.27 10.04 -4.93
C ASP D 178 -29.24 10.61 -3.96
N ILE D 179 -28.09 11.01 -4.48
CA ILE D 179 -27.00 11.44 -3.62
C ILE D 179 -27.36 12.71 -2.88
N GLU D 180 -27.99 13.66 -3.57
CA GLU D 180 -28.38 14.91 -2.93
C GLU D 180 -29.19 14.66 -1.66
N THR D 181 -30.23 13.84 -1.76
CA THR D 181 -31.11 13.60 -0.62
C THR D 181 -30.65 12.41 0.22
N GLY D 182 -29.72 11.60 -0.27
CA GLY D 182 -29.26 10.45 0.49
C GLY D 182 -30.23 9.31 0.59
N GLN D 183 -31.29 9.30 -0.21
CA GLN D 183 -32.35 8.32 -0.08
C GLN D 183 -32.24 7.27 -1.19
N GLN D 184 -32.49 6.02 -0.81
CA GLN D 184 -32.78 4.94 -1.75
C GLN D 184 -34.08 5.23 -2.48
N THR D 185 -34.01 5.55 -3.77
CA THR D 185 -35.23 5.83 -4.53
C THR D 185 -35.74 4.63 -5.31
N THR D 186 -34.85 3.72 -5.73
CA THR D 186 -35.26 2.48 -6.36
C THR D 186 -34.45 1.34 -5.79
N THR D 187 -35.13 0.21 -5.55
CA THR D 187 -34.49 -1.00 -5.08
C THR D 187 -34.60 -2.07 -6.17
N PHE D 188 -33.66 -3.02 -6.12
CA PHE D 188 -33.61 -4.10 -7.11
C PHE D 188 -33.51 -5.42 -6.37
N THR D 189 -34.65 -6.09 -6.20
CA THR D 189 -34.74 -7.33 -5.46
C THR D 189 -35.07 -8.47 -6.41
N GLY D 190 -34.59 -9.66 -6.06
CA GLY D 190 -34.86 -10.84 -6.84
C GLY D 190 -33.70 -11.82 -6.84
N HIS D 191 -32.49 -11.31 -6.64
CA HIS D 191 -31.37 -12.21 -6.36
C HIS D 191 -31.63 -12.95 -5.06
N THR D 192 -31.18 -14.21 -5.00
CA THR D 192 -31.33 -15.04 -3.82
C THR D 192 -29.99 -15.31 -3.13
N GLY D 193 -28.93 -14.64 -3.55
CA GLY D 193 -27.65 -14.76 -2.88
C GLY D 193 -26.88 -13.46 -2.94
N ASP D 194 -25.79 -13.43 -2.19
CA ASP D 194 -24.94 -12.24 -2.12
C ASP D 194 -24.69 -11.70 -3.53
N VAL D 195 -24.93 -10.40 -3.71
CA VAL D 195 -24.62 -9.74 -4.97
C VAL D 195 -23.18 -9.25 -4.92
N MET D 196 -22.36 -9.70 -5.88
CA MET D 196 -20.93 -9.46 -5.84
C MET D 196 -20.46 -8.36 -6.78
N SER D 197 -21.23 -8.05 -7.81
CA SER D 197 -20.71 -7.18 -8.87
C SER D 197 -21.86 -6.68 -9.74
N LEU D 198 -21.68 -5.48 -10.28
CA LEU D 198 -22.63 -4.89 -11.21
C LEU D 198 -21.86 -4.15 -12.28
N SER D 199 -22.51 -3.93 -13.41
CA SER D 199 -21.89 -3.26 -14.55
C SER D 199 -22.92 -2.40 -15.24
N LEU D 200 -22.61 -1.12 -15.41
CA LEU D 200 -23.51 -0.18 -16.06
C LEU D 200 -23.43 -0.33 -17.57
N ALA D 201 -24.59 -0.31 -18.22
CA ALA D 201 -24.61 -0.28 -19.66
C ALA D 201 -23.98 1.03 -20.16
N PRO D 202 -23.41 1.02 -21.36
CA PRO D 202 -22.82 2.26 -21.89
C PRO D 202 -23.78 3.43 -21.91
N ASP D 203 -25.06 3.19 -22.21
CA ASP D 203 -26.07 4.23 -22.18
C ASP D 203 -26.66 4.43 -20.79
N THR D 204 -26.19 3.68 -19.80
CA THR D 204 -26.65 3.80 -18.41
C THR D 204 -28.14 3.57 -18.25
N ARG D 205 -28.80 2.99 -19.26
CA ARG D 205 -30.22 2.68 -19.12
C ARG D 205 -30.44 1.30 -18.49
N LEU D 206 -29.45 0.42 -18.58
CA LEU D 206 -29.52 -0.91 -18.00
C LEU D 206 -28.26 -1.13 -17.18
N PHE D 207 -28.34 -2.04 -16.22
CA PHE D 207 -27.15 -2.59 -15.58
C PHE D 207 -27.38 -4.07 -15.34
N VAL D 208 -26.28 -4.81 -15.26
CA VAL D 208 -26.32 -6.23 -14.95
C VAL D 208 -25.63 -6.44 -13.61
N SER D 209 -26.10 -7.46 -12.87
CA SER D 209 -25.55 -7.79 -11.58
C SER D 209 -25.22 -9.27 -11.53
N GLY D 210 -24.22 -9.61 -10.74
CA GLY D 210 -23.83 -10.99 -10.51
C GLY D 210 -23.92 -11.30 -9.03
N ALA D 211 -24.43 -12.49 -8.71
CA ALA D 211 -24.74 -12.85 -7.34
C ALA D 211 -24.20 -14.24 -7.04
N CYS D 212 -24.24 -14.60 -5.76
CA CYS D 212 -23.81 -15.90 -5.29
C CYS D 212 -24.83 -17.01 -5.53
N ASP D 213 -25.96 -16.72 -6.15
CA ASP D 213 -26.86 -17.75 -6.67
C ASP D 213 -26.46 -18.26 -8.05
N ALA D 214 -25.27 -17.90 -8.53
CA ALA D 214 -24.75 -18.34 -9.82
C ALA D 214 -25.58 -17.82 -11.00
N SER D 215 -26.41 -16.81 -10.78
CA SER D 215 -27.18 -16.20 -11.85
C SER D 215 -26.74 -14.76 -12.05
N ALA D 216 -26.93 -14.27 -13.28
CA ALA D 216 -26.83 -12.85 -13.61
C ALA D 216 -28.21 -12.31 -13.99
N LYS D 217 -28.46 -11.06 -13.62
CA LYS D 217 -29.76 -10.44 -13.89
C LYS D 217 -29.55 -9.10 -14.58
N LEU D 218 -30.32 -8.87 -15.65
CA LEU D 218 -30.33 -7.59 -16.35
C LEU D 218 -31.49 -6.75 -15.82
N TRP D 219 -31.18 -5.53 -15.39
CA TRP D 219 -32.16 -4.66 -14.75
C TRP D 219 -32.39 -3.40 -15.57
N ASP D 220 -33.64 -2.93 -15.57
CA ASP D 220 -33.99 -1.66 -16.19
C ASP D 220 -33.92 -0.59 -15.13
N VAL D 221 -32.98 0.35 -15.31
CA VAL D 221 -32.69 1.32 -14.26
C VAL D 221 -33.92 2.16 -13.94
N ARG D 222 -34.57 2.70 -14.97
CA ARG D 222 -35.64 3.68 -14.75
C ARG D 222 -36.96 3.01 -14.37
N GLU D 223 -37.18 1.77 -14.80
CA GLU D 223 -38.40 1.07 -14.42
C GLU D 223 -38.27 0.31 -13.11
N GLY D 224 -37.04 0.05 -12.66
CA GLY D 224 -36.83 -0.60 -11.37
C GLY D 224 -37.25 -2.05 -11.26
N MET D 225 -37.01 -2.85 -12.30
CA MET D 225 -37.36 -4.26 -12.24
C MET D 225 -36.41 -5.06 -13.11
N CYS D 226 -36.48 -6.38 -12.97
CA CYS D 226 -35.58 -7.29 -13.66
C CYS D 226 -36.13 -7.66 -15.03
N ARG D 227 -35.39 -7.30 -16.09
CA ARG D 227 -35.81 -7.62 -17.44
C ARG D 227 -35.48 -9.06 -17.83
N GLN D 228 -34.29 -9.53 -17.47
CA GLN D 228 -33.81 -10.83 -17.93
C GLN D 228 -32.97 -11.47 -16.85
N THR D 229 -32.92 -12.80 -16.85
CA THR D 229 -32.13 -13.57 -15.90
C THR D 229 -31.29 -14.59 -16.66
N PHE D 230 -30.00 -14.65 -16.35
CA PHE D 230 -29.03 -15.47 -17.09
C PHE D 230 -28.38 -16.46 -16.14
N THR D 231 -28.53 -17.75 -16.43
CA THR D 231 -27.92 -18.82 -15.67
C THR D 231 -26.92 -19.56 -16.56
N GLY D 232 -26.22 -20.52 -15.97
CA GLY D 232 -25.21 -21.26 -16.69
C GLY D 232 -23.95 -21.49 -15.88
N HIS D 233 -23.58 -20.52 -15.05
CA HIS D 233 -22.42 -20.74 -14.18
C HIS D 233 -22.74 -21.79 -13.14
N GLU D 234 -21.71 -22.53 -12.74
CA GLU D 234 -21.87 -23.59 -11.75
C GLU D 234 -21.53 -23.14 -10.34
N SER D 235 -20.98 -21.94 -10.18
CA SER D 235 -20.63 -21.44 -8.85
CA SER D 235 -20.60 -21.45 -8.86
C SER D 235 -20.66 -19.93 -8.87
N ASP D 236 -20.14 -19.33 -7.80
CA ASP D 236 -20.21 -17.90 -7.56
C ASP D 236 -19.76 -17.09 -8.77
N ILE D 237 -20.49 -16.02 -9.05
CA ILE D 237 -20.08 -15.00 -10.02
C ILE D 237 -19.39 -13.88 -9.27
N ASN D 238 -18.07 -13.75 -9.47
CA ASN D 238 -17.29 -12.74 -8.80
C ASN D 238 -17.16 -11.44 -9.59
N ALA D 239 -17.43 -11.45 -10.89
CA ALA D 239 -17.11 -10.33 -11.75
C ALA D 239 -18.03 -10.34 -12.96
N ILE D 240 -18.26 -9.16 -13.52
CA ILE D 240 -19.17 -8.99 -14.65
C ILE D 240 -18.78 -7.70 -15.36
N CYS D 241 -18.93 -7.70 -16.68
CA CYS D 241 -18.56 -6.54 -17.47
CA CYS D 241 -18.57 -6.53 -17.47
C CYS D 241 -19.35 -6.53 -18.77
N PHE D 242 -19.88 -5.36 -19.12
CA PHE D 242 -20.61 -5.19 -20.37
C PHE D 242 -19.67 -5.25 -21.57
N PHE D 243 -20.16 -5.85 -22.66
CA PHE D 243 -19.52 -5.68 -23.96
C PHE D 243 -19.61 -4.21 -24.38
N PRO D 244 -18.60 -3.68 -25.07
CA PRO D 244 -18.52 -2.23 -25.25
C PRO D 244 -19.72 -1.63 -25.97
N ASN D 245 -20.38 -2.40 -26.83
CA ASN D 245 -21.58 -1.93 -27.52
C ASN D 245 -22.86 -2.16 -26.71
N GLY D 246 -22.75 -2.72 -25.51
CA GLY D 246 -23.91 -2.87 -24.66
C GLY D 246 -24.82 -4.03 -24.99
N ASN D 247 -24.41 -4.89 -25.93
CA ASN D 247 -25.24 -6.00 -26.37
C ASN D 247 -24.82 -7.34 -25.77
N ALA D 248 -23.79 -7.37 -24.94
CA ALA D 248 -23.34 -8.61 -24.31
C ALA D 248 -22.58 -8.26 -23.05
N PHE D 249 -22.25 -9.29 -22.27
CA PHE D 249 -21.50 -9.10 -21.04
C PHE D 249 -20.89 -10.43 -20.59
N ALA D 250 -19.63 -10.39 -20.16
CA ALA D 250 -19.00 -11.60 -19.65
C ALA D 250 -19.28 -11.72 -18.15
N THR D 251 -18.96 -12.89 -17.60
CA THR D 251 -19.26 -13.18 -16.18
C THR D 251 -18.12 -13.96 -15.53
N GLY D 252 -17.26 -13.27 -14.79
CA GLY D 252 -16.23 -13.95 -14.04
C GLY D 252 -16.85 -14.76 -12.90
N SER D 253 -16.42 -16.01 -12.76
CA SER D 253 -17.02 -16.94 -11.81
C SER D 253 -15.95 -17.79 -11.16
N ASP D 254 -16.29 -18.31 -9.97
CA ASP D 254 -15.39 -19.20 -9.24
C ASP D 254 -15.11 -20.49 -10.00
N ASP D 255 -15.95 -20.84 -10.97
CA ASP D 255 -15.79 -22.06 -11.74
C ASP D 255 -14.70 -21.95 -12.80
N ALA D 256 -13.78 -21.00 -12.64
CA ALA D 256 -12.68 -20.78 -13.59
C ALA D 256 -13.17 -20.69 -15.03
N THR D 257 -14.29 -20.02 -15.23
CA THR D 257 -14.90 -19.91 -16.55
C THR D 257 -15.46 -18.51 -16.73
N CYS D 258 -15.54 -18.05 -17.99
CA CYS D 258 -16.14 -16.77 -18.35
C CYS D 258 -17.11 -17.00 -19.50
N ARG D 259 -18.41 -16.88 -19.23
CA ARG D 259 -19.46 -17.17 -20.19
C ARG D 259 -20.20 -15.91 -20.68
N LEU D 260 -19.70 -15.30 -21.74
CA LEU D 260 -20.36 -14.12 -22.31
C LEU D 260 -21.81 -14.45 -22.67
N PHE D 261 -22.74 -13.60 -22.22
CA PHE D 261 -24.18 -13.76 -22.45
C PHE D 261 -24.74 -12.61 -23.29
N ASP D 262 -25.36 -12.94 -24.43
CA ASP D 262 -26.02 -11.91 -25.23
C ASP D 262 -27.39 -11.60 -24.66
N LEU D 263 -27.71 -10.31 -24.55
CA LEU D 263 -28.98 -9.93 -23.95
C LEU D 263 -30.16 -10.36 -24.84
N ARG D 264 -30.10 -9.99 -26.13
CA ARG D 264 -31.23 -10.21 -27.02
C ARG D 264 -31.45 -11.69 -27.36
N ALA D 265 -30.37 -12.48 -27.44
CA ALA D 265 -30.52 -13.92 -27.61
C ALA D 265 -30.66 -14.67 -26.29
N ASP D 266 -30.43 -14.01 -25.16
CA ASP D 266 -30.77 -14.56 -23.84
C ASP D 266 -30.08 -15.89 -23.58
N GLN D 267 -28.79 -16.01 -23.91
CA GLN D 267 -28.15 -17.29 -23.63
C GLN D 267 -26.64 -17.18 -23.83
N GLU D 268 -25.95 -18.20 -23.30
CA GLU D 268 -24.52 -18.36 -23.42
C GLU D 268 -24.10 -18.67 -24.85
N LEU D 269 -23.01 -18.06 -25.31
CA LEU D 269 -22.48 -18.32 -26.63
C LEU D 269 -21.17 -19.08 -26.62
N MET D 270 -20.39 -18.94 -25.54
CA MET D 270 -19.03 -19.44 -25.52
C MET D 270 -18.53 -19.44 -24.09
N THR D 271 -17.64 -20.39 -23.80
CA THR D 271 -16.97 -20.49 -22.52
C THR D 271 -15.47 -20.38 -22.73
N TYR D 272 -14.79 -19.73 -21.79
CA TYR D 272 -13.34 -19.51 -21.88
C TYR D 272 -12.70 -20.15 -20.67
N SER D 273 -11.98 -21.26 -20.89
CA SER D 273 -11.39 -22.03 -19.80
CA SER D 273 -11.38 -22.01 -19.80
C SER D 273 -10.27 -22.87 -20.36
N HIS D 274 -9.33 -23.22 -19.48
CA HIS D 274 -8.27 -24.17 -19.77
C HIS D 274 -8.23 -25.23 -18.68
N ASP D 275 -7.87 -26.46 -19.08
CA ASP D 275 -7.88 -27.57 -18.14
C ASP D 275 -6.92 -27.31 -16.97
N ASN D 276 -5.85 -26.57 -17.21
CA ASN D 276 -4.86 -26.29 -16.18
C ASN D 276 -5.12 -24.99 -15.43
N ILE D 277 -6.29 -24.39 -15.60
CA ILE D 277 -6.71 -23.26 -14.77
C ILE D 277 -7.88 -23.72 -13.91
N ILE D 278 -7.66 -23.81 -12.60
CA ILE D 278 -8.65 -24.32 -11.68
C ILE D 278 -9.01 -23.33 -10.58
N CYS D 279 -8.41 -22.15 -10.59
CA CYS D 279 -8.65 -21.16 -9.55
C CYS D 279 -9.84 -20.27 -9.90
N GLY D 280 -10.28 -19.49 -8.92
CA GLY D 280 -11.38 -18.58 -9.13
C GLY D 280 -10.97 -17.39 -9.97
N ILE D 281 -11.97 -16.74 -10.56
CA ILE D 281 -11.76 -15.51 -11.32
C ILE D 281 -12.28 -14.35 -10.49
N THR D 282 -11.49 -13.27 -10.43
CA THR D 282 -11.80 -12.15 -9.56
C THR D 282 -12.30 -10.92 -10.30
N SER D 283 -12.10 -10.84 -11.62
CA SER D 283 -12.29 -9.59 -12.33
C SER D 283 -12.23 -9.87 -13.82
N VAL D 284 -13.03 -9.12 -14.58
CA VAL D 284 -13.07 -9.24 -16.03
C VAL D 284 -13.25 -7.85 -16.61
N SER D 285 -12.73 -7.66 -17.82
CA SER D 285 -12.90 -6.40 -18.54
C SER D 285 -12.61 -6.66 -20.01
N PHE D 286 -13.27 -5.88 -20.86
CA PHE D 286 -13.05 -5.94 -22.30
C PHE D 286 -12.09 -4.85 -22.73
N SER D 287 -11.35 -5.13 -23.80
CA SER D 287 -10.62 -4.09 -24.50
C SER D 287 -11.60 -3.15 -25.22
N LYS D 288 -11.06 -2.06 -25.76
CA LYS D 288 -11.91 -1.03 -26.34
C LYS D 288 -12.75 -1.57 -27.48
N SER D 289 -12.19 -2.43 -28.32
CA SER D 289 -12.91 -3.01 -29.44
C SER D 289 -13.72 -4.24 -29.07
N GLY D 290 -13.57 -4.75 -27.84
CA GLY D 290 -14.22 -5.98 -27.45
C GLY D 290 -13.50 -7.24 -27.84
N ARG D 291 -12.42 -7.15 -28.64
CA ARG D 291 -11.78 -8.35 -29.14
C ARG D 291 -11.06 -9.12 -28.03
N LEU D 292 -10.52 -8.42 -27.04
CA LEU D 292 -9.78 -9.05 -25.95
C LEU D 292 -10.62 -9.06 -24.68
N LEU D 293 -10.67 -10.21 -24.02
CA LEU D 293 -11.31 -10.34 -22.71
C LEU D 293 -10.22 -10.60 -21.68
N LEU D 294 -10.02 -9.64 -20.78
CA LEU D 294 -9.00 -9.75 -19.74
C LEU D 294 -9.64 -10.20 -18.44
N ALA D 295 -9.00 -11.15 -17.77
CA ALA D 295 -9.56 -11.76 -16.57
C ALA D 295 -8.47 -11.98 -15.55
N GLY D 296 -8.79 -11.68 -14.30
CA GLY D 296 -7.85 -11.83 -13.19
C GLY D 296 -8.14 -13.09 -12.41
N TYR D 297 -7.09 -13.80 -12.02
CA TYR D 297 -7.22 -15.13 -11.44
C TYR D 297 -6.57 -15.17 -10.07
N ASP D 298 -7.12 -16.04 -9.21
CA ASP D 298 -6.55 -16.27 -7.89
C ASP D 298 -5.13 -16.78 -7.95
N ASP D 299 -4.70 -17.37 -9.06
CA ASP D 299 -3.36 -17.91 -9.19
C ASP D 299 -2.31 -16.83 -9.47
N PHE D 300 -2.67 -15.56 -9.25
CA PHE D 300 -1.82 -14.37 -9.35
C PHE D 300 -1.66 -13.86 -10.77
N ASN D 301 -2.27 -14.49 -11.78
CA ASN D 301 -2.05 -14.07 -13.15
C ASN D 301 -3.30 -13.42 -13.72
N CYS D 302 -3.10 -12.63 -14.77
CA CYS D 302 -4.17 -12.17 -15.64
C CYS D 302 -4.04 -12.88 -16.97
N ASN D 303 -5.13 -13.49 -17.43
CA ASN D 303 -5.15 -14.15 -18.73
C ASN D 303 -5.86 -13.28 -19.76
N VAL D 304 -5.31 -13.25 -20.97
CA VAL D 304 -5.86 -12.47 -22.07
C VAL D 304 -6.47 -13.47 -23.05
N TRP D 305 -7.78 -13.42 -23.19
CA TRP D 305 -8.53 -14.32 -24.05
C TRP D 305 -8.91 -13.66 -25.37
N ASP D 306 -8.92 -14.45 -26.43
CA ASP D 306 -9.53 -14.06 -27.69
C ASP D 306 -11.05 -14.20 -27.52
N ALA D 307 -11.75 -13.07 -27.46
CA ALA D 307 -13.17 -13.11 -27.12
C ALA D 307 -14.01 -13.77 -28.20
N LEU D 308 -13.55 -13.78 -29.44
CA LEU D 308 -14.29 -14.39 -30.53
C LEU D 308 -13.98 -15.86 -30.72
N LYS D 309 -12.78 -16.31 -30.37
CA LYS D 309 -12.36 -17.68 -30.63
C LYS D 309 -12.05 -18.49 -29.38
N ALA D 310 -12.03 -17.87 -28.20
CA ALA D 310 -11.86 -18.52 -26.90
C ALA D 310 -10.44 -19.02 -26.66
N ASP D 311 -9.52 -18.83 -27.59
CA ASP D 311 -8.13 -19.17 -27.34
C ASP D 311 -7.50 -18.13 -26.42
N ARG D 312 -6.62 -18.59 -25.54
CA ARG D 312 -5.82 -17.66 -24.75
C ARG D 312 -4.79 -16.99 -25.64
N ALA D 313 -4.74 -15.66 -25.61
CA ALA D 313 -3.81 -14.91 -26.43
C ALA D 313 -2.54 -14.50 -25.71
N GLY D 314 -2.58 -14.40 -24.38
CA GLY D 314 -1.44 -13.86 -23.66
C GLY D 314 -1.67 -13.94 -22.17
N VAL D 315 -0.62 -13.65 -21.43
CA VAL D 315 -0.62 -13.74 -19.97
C VAL D 315 0.07 -12.52 -19.42
N LEU D 316 -0.45 -11.98 -18.32
CA LEU D 316 0.23 -10.95 -17.56
C LEU D 316 0.59 -11.54 -16.21
N ALA D 317 1.87 -11.82 -16.01
CA ALA D 317 2.39 -12.47 -14.81
C ALA D 317 3.38 -11.50 -14.18
N GLY D 318 2.90 -10.69 -13.25
CA GLY D 318 3.73 -9.67 -12.63
C GLY D 318 3.39 -9.42 -11.18
N HIS D 319 2.61 -10.31 -10.59
CA HIS D 319 2.18 -10.15 -9.21
C HIS D 319 2.56 -11.37 -8.39
N ASP D 320 2.71 -11.15 -7.09
CA ASP D 320 3.11 -12.19 -6.15
C ASP D 320 1.95 -12.64 -5.28
N ASN D 321 0.73 -12.23 -5.62
CA ASN D 321 -0.46 -12.55 -4.84
C ASN D 321 -1.68 -12.28 -5.69
N ARG D 322 -2.85 -12.62 -5.15
CA ARG D 322 -4.09 -12.52 -5.89
C ARG D 322 -4.19 -11.17 -6.58
N VAL D 323 -4.53 -11.21 -7.87
CA VAL D 323 -5.01 -10.02 -8.57
C VAL D 323 -6.47 -9.83 -8.22
N SER D 324 -6.80 -8.72 -7.58
CA SER D 324 -8.14 -8.49 -7.08
C SER D 324 -8.97 -7.59 -7.98
N CYS D 325 -8.34 -6.86 -8.89
CA CYS D 325 -9.06 -5.90 -9.71
C CYS D 325 -8.23 -5.55 -10.93
N LEU D 326 -8.92 -5.10 -11.97
CA LEU D 326 -8.26 -4.58 -13.17
C LEU D 326 -9.25 -3.66 -13.87
N GLY D 327 -8.73 -2.90 -14.81
CA GLY D 327 -9.57 -2.03 -15.62
C GLY D 327 -8.87 -1.51 -16.85
N VAL D 328 -9.62 -1.28 -17.92
CA VAL D 328 -9.07 -0.76 -19.16
C VAL D 328 -9.53 0.69 -19.31
N THR D 329 -8.61 1.55 -19.72
CA THR D 329 -8.92 2.95 -19.90
C THR D 329 -10.00 3.12 -20.96
N ASP D 330 -10.72 4.24 -20.87
CA ASP D 330 -11.74 4.52 -21.87
C ASP D 330 -11.15 4.63 -23.27
N ASP D 331 -9.93 5.16 -23.39
CA ASP D 331 -9.29 5.21 -24.69
C ASP D 331 -8.63 3.89 -25.10
N GLY D 332 -8.62 2.90 -24.21
CA GLY D 332 -8.07 1.61 -24.56
C GLY D 332 -6.57 1.48 -24.48
N MET D 333 -5.87 2.55 -24.09
CA MET D 333 -4.42 2.57 -24.20
C MET D 333 -3.71 1.70 -23.18
N ALA D 334 -4.34 1.42 -22.03
CA ALA D 334 -3.66 0.70 -20.97
C ALA D 334 -4.68 -0.09 -20.16
N VAL D 335 -4.19 -1.15 -19.53
CA VAL D 335 -4.94 -1.87 -18.51
C VAL D 335 -4.17 -1.79 -17.20
N ALA D 336 -4.89 -1.52 -16.11
CA ALA D 336 -4.31 -1.57 -14.78
C ALA D 336 -4.74 -2.84 -14.07
N THR D 337 -3.83 -3.43 -13.32
CA THR D 337 -4.13 -4.54 -12.44
C THR D 337 -3.76 -4.17 -11.01
N GLY D 338 -4.64 -4.53 -10.08
CA GLY D 338 -4.38 -4.32 -8.67
C GLY D 338 -4.36 -5.67 -7.98
N SER D 339 -3.60 -5.76 -6.90
CA SER D 339 -3.26 -7.05 -6.33
C SER D 339 -3.26 -6.97 -4.82
N TRP D 340 -3.52 -8.11 -4.18
CA TRP D 340 -3.33 -8.26 -2.75
C TRP D 340 -1.90 -7.95 -2.31
N ASP D 341 -0.94 -7.96 -3.23
CA ASP D 341 0.44 -7.68 -2.86
C ASP D 341 0.71 -6.19 -2.67
N SER D 342 -0.32 -5.36 -2.74
CA SER D 342 -0.31 -3.91 -2.44
C SER D 342 0.19 -3.03 -3.57
N PHE D 343 0.44 -3.58 -4.76
CA PHE D 343 0.89 -2.78 -5.88
C PHE D 343 -0.14 -2.79 -7.00
N LEU D 344 -0.14 -1.72 -7.79
CA LEU D 344 -0.82 -1.67 -9.07
C LEU D 344 0.21 -1.61 -10.19
N LYS D 345 -0.11 -2.23 -11.31
CA LYS D 345 0.74 -2.18 -12.49
C LYS D 345 -0.06 -1.73 -13.70
N ILE D 346 0.56 -0.91 -14.54
CA ILE D 346 -0.01 -0.43 -15.79
C ILE D 346 0.65 -1.18 -16.93
N TRP D 347 -0.14 -1.74 -17.83
CA TRP D 347 0.34 -2.55 -18.92
C TRP D 347 -0.17 -1.99 -20.24
N ASN D 348 0.66 -2.04 -21.27
CA ASN D 348 0.18 -1.95 -22.66
C ASN D 348 1.24 -2.37 -23.66
N ASN E 6 -44.39 -19.96 6.56
CA ASN E 6 -45.30 -20.41 5.51
C ASN E 6 -45.83 -19.22 4.70
N THR E 7 -46.25 -18.17 5.41
CA THR E 7 -46.82 -17.01 4.74
C THR E 7 -45.79 -16.26 3.91
N ALA E 8 -44.50 -16.47 4.17
CA ALA E 8 -43.44 -15.87 3.36
C ALA E 8 -43.11 -16.70 2.13
N SER E 9 -43.28 -18.03 2.21
CA SER E 9 -43.04 -18.86 1.04
C SER E 9 -44.12 -18.68 -0.02
N ILE E 10 -45.35 -18.37 0.40
CA ILE E 10 -46.41 -18.17 -0.58
C ILE E 10 -46.27 -16.82 -1.27
N ALA E 11 -45.75 -15.80 -0.60
CA ALA E 11 -45.58 -14.51 -1.23
C ALA E 11 -44.45 -14.54 -2.25
N GLN E 12 -43.36 -15.23 -1.92
CA GLN E 12 -42.25 -15.38 -2.86
C GLN E 12 -42.62 -16.27 -4.04
N ALA E 13 -43.49 -17.25 -3.83
CA ALA E 13 -43.83 -18.19 -4.90
C ALA E 13 -44.61 -17.53 -6.02
N ARG E 14 -45.52 -16.62 -5.68
CA ARG E 14 -46.25 -15.90 -6.72
C ARG E 14 -45.44 -14.78 -7.34
N LYS E 15 -44.44 -14.25 -6.63
CA LYS E 15 -43.51 -13.31 -7.24
C LYS E 15 -42.68 -14.00 -8.32
N LEU E 16 -42.30 -15.25 -8.09
CA LEU E 16 -41.56 -16.00 -9.10
C LEU E 16 -42.42 -16.27 -10.33
N VAL E 17 -43.70 -16.53 -10.15
CA VAL E 17 -44.59 -16.76 -11.29
C VAL E 17 -44.76 -15.49 -12.11
N GLU E 18 -44.96 -14.35 -11.44
CA GLU E 18 -45.07 -13.09 -12.16
C GLU E 18 -43.80 -12.79 -12.95
N GLN E 19 -42.64 -13.00 -12.34
CA GLN E 19 -41.39 -12.71 -13.03
C GLN E 19 -41.16 -13.66 -14.20
N LEU E 20 -41.44 -14.95 -14.01
CA LEU E 20 -41.26 -15.91 -15.08
C LEU E 20 -42.20 -15.63 -16.24
N LYS E 21 -43.44 -15.28 -15.94
CA LYS E 21 -44.39 -14.91 -16.98
C LYS E 21 -43.84 -13.81 -17.89
N MET E 22 -43.30 -12.75 -17.29
CA MET E 22 -42.74 -11.66 -18.08
C MET E 22 -41.56 -12.15 -18.92
N GLU E 23 -40.63 -12.87 -18.31
CA GLU E 23 -39.42 -13.28 -19.01
C GLU E 23 -39.73 -14.20 -20.19
N ALA E 24 -40.80 -14.99 -20.08
CA ALA E 24 -41.18 -15.88 -21.17
C ALA E 24 -41.62 -15.11 -22.41
N ASN E 25 -42.15 -13.90 -22.24
CA ASN E 25 -42.78 -13.16 -23.31
C ASN E 25 -41.84 -12.23 -24.06
N ILE E 26 -40.53 -12.25 -23.77
CA ILE E 26 -39.63 -11.30 -24.40
C ILE E 26 -39.34 -11.71 -25.84
N ASP E 27 -38.91 -10.74 -26.64
CA ASP E 27 -38.53 -10.97 -28.03
C ASP E 27 -37.09 -11.48 -28.11
N ARG E 28 -36.89 -12.60 -28.81
CA ARG E 28 -35.58 -13.18 -28.98
C ARG E 28 -35.18 -13.21 -30.45
N ILE E 29 -33.89 -13.03 -30.70
CA ILE E 29 -33.34 -13.11 -32.04
C ILE E 29 -32.55 -14.41 -32.17
N LYS E 30 -32.15 -14.73 -33.39
CA LYS E 30 -31.38 -15.93 -33.64
C LYS E 30 -29.94 -15.75 -33.19
N VAL E 31 -29.35 -16.83 -32.66
CA VAL E 31 -27.95 -16.77 -32.24
C VAL E 31 -27.04 -16.42 -33.41
N SER E 32 -27.38 -16.92 -34.61
CA SER E 32 -26.56 -16.60 -35.77
C SER E 32 -26.51 -15.10 -36.01
N LYS E 33 -27.65 -14.42 -35.89
CA LYS E 33 -27.65 -12.97 -35.99
C LYS E 33 -26.90 -12.33 -34.82
N ALA E 34 -27.10 -12.86 -33.61
CA ALA E 34 -26.40 -12.32 -32.45
C ALA E 34 -24.89 -12.43 -32.61
N ALA E 35 -24.41 -13.58 -33.09
CA ALA E 35 -22.98 -13.77 -33.27
C ALA E 35 -22.43 -12.85 -34.35
N ALA E 36 -23.20 -12.63 -35.41
CA ALA E 36 -22.77 -11.73 -36.48
C ALA E 36 -22.56 -10.31 -35.97
N ASP E 37 -23.45 -9.83 -35.11
CA ASP E 37 -23.32 -8.46 -34.61
C ASP E 37 -22.06 -8.27 -33.80
N LEU E 38 -21.68 -9.27 -33.00
CA LEU E 38 -20.45 -9.17 -32.22
C LEU E 38 -19.23 -9.14 -33.13
N MET E 39 -19.19 -10.03 -34.11
CA MET E 39 -18.08 -10.03 -35.07
C MET E 39 -17.99 -8.71 -35.81
N ALA E 40 -19.12 -8.14 -36.22
CA ALA E 40 -19.10 -6.88 -36.94
C ALA E 40 -18.52 -5.75 -36.10
N TYR E 41 -18.81 -5.74 -34.79
CA TYR E 41 -18.26 -4.69 -33.93
C TYR E 41 -16.75 -4.80 -33.83
N CYS E 42 -16.23 -6.00 -33.59
CA CYS E 42 -14.80 -6.20 -33.47
C CYS E 42 -14.05 -5.74 -34.72
N GLU E 43 -14.52 -6.18 -35.89
CA GLU E 43 -13.86 -5.81 -37.14
C GLU E 43 -13.91 -4.29 -37.38
N ALA E 44 -15.06 -3.67 -37.12
CA ALA E 44 -15.22 -2.26 -37.41
C ALA E 44 -14.36 -1.38 -36.51
N HIS E 45 -14.02 -1.85 -35.31
CA HIS E 45 -13.28 -1.05 -34.34
C HIS E 45 -11.87 -1.56 -34.08
N ALA E 46 -11.42 -2.58 -34.82
CA ALA E 46 -10.10 -3.16 -34.56
C ALA E 46 -8.99 -2.12 -34.67
N LYS E 47 -9.14 -1.15 -35.58
CA LYS E 47 -8.06 -0.19 -35.82
C LYS E 47 -7.89 0.77 -34.66
N GLU E 48 -8.95 1.01 -33.88
CA GLU E 48 -8.88 1.91 -32.73
C GLU E 48 -8.65 1.17 -31.42
N ASP E 49 -8.18 -0.08 -31.47
CA ASP E 49 -7.89 -0.82 -30.25
C ASP E 49 -6.38 -0.86 -30.02
N PRO E 50 -5.82 -0.03 -29.14
CA PRO E 50 -4.35 -0.02 -28.97
C PRO E 50 -3.80 -1.29 -28.33
N LEU E 51 -4.62 -2.11 -27.68
CA LEU E 51 -4.10 -3.35 -27.11
C LEU E 51 -3.99 -4.46 -28.15
N LEU E 52 -4.84 -4.43 -29.18
CA LEU E 52 -4.74 -5.40 -30.25
C LEU E 52 -3.55 -5.09 -31.15
N THR E 53 -3.48 -3.85 -31.65
CA THR E 53 -2.47 -3.42 -32.60
C THR E 53 -1.68 -2.29 -31.96
N PRO E 54 -0.57 -2.60 -31.29
CA PRO E 54 0.12 -1.58 -30.50
C PRO E 54 0.63 -0.44 -31.38
N VAL E 55 0.66 0.75 -30.79
CA VAL E 55 1.01 1.97 -31.52
C VAL E 55 2.49 2.27 -31.31
N PRO E 56 3.11 3.08 -32.16
CA PRO E 56 4.53 3.43 -31.94
C PRO E 56 4.72 4.18 -30.63
N ALA E 57 5.95 4.09 -30.12
CA ALA E 57 6.26 4.66 -28.81
C ALA E 57 5.98 6.15 -28.73
N SER E 58 6.02 6.85 -29.87
CA SER E 58 5.71 8.28 -29.84
C SER E 58 4.24 8.57 -29.56
N GLU E 59 3.35 7.62 -29.85
CA GLU E 59 1.94 7.74 -29.57
C GLU E 59 1.54 7.09 -28.25
N ASN E 60 2.51 6.60 -27.48
CA ASN E 60 2.24 5.81 -26.29
C ASN E 60 2.48 6.66 -25.05
N PRO E 61 1.42 7.09 -24.36
CA PRO E 61 1.62 7.99 -23.21
C PRO E 61 2.51 7.42 -22.13
N PHE E 62 2.50 6.09 -21.93
CA PHE E 62 3.29 5.46 -20.88
C PHE E 62 4.69 5.10 -21.34
N ARG E 63 5.15 5.65 -22.46
CA ARG E 63 6.54 5.54 -22.88
C ARG E 63 7.14 6.86 -23.31
N GLU E 64 6.37 7.95 -23.28
CA GLU E 64 6.76 9.19 -23.95
C GLU E 64 7.78 9.97 -23.12
N ASP F 1 -15.56 29.76 4.24
CA ASP F 1 -15.27 31.10 3.72
C ASP F 1 -13.78 31.37 3.81
N VAL F 2 -13.12 31.43 2.66
CA VAL F 2 -11.66 31.59 2.61
C VAL F 2 -11.31 33.05 2.89
N GLN F 3 -10.41 33.26 3.85
CA GLN F 3 -9.95 34.59 4.21
C GLN F 3 -8.44 34.61 4.28
N LEU F 4 -7.83 35.65 3.74
CA LEU F 4 -6.42 35.95 3.96
C LEU F 4 -6.31 37.43 4.31
N VAL F 5 -5.80 37.74 5.49
CA VAL F 5 -5.76 39.11 5.99
C VAL F 5 -4.31 39.46 6.31
N GLU F 6 -3.70 40.29 5.47
CA GLU F 6 -2.35 40.75 5.74
C GLU F 6 -2.37 41.90 6.74
N SER F 7 -1.27 42.04 7.48
CA SER F 7 -1.11 43.15 8.41
C SER F 7 0.38 43.39 8.62
N GLY F 8 0.68 44.47 9.32
CA GLY F 8 2.05 44.84 9.61
C GLY F 8 2.59 45.99 8.79
N GLY F 9 1.85 46.45 7.78
CA GLY F 9 2.27 47.58 6.97
C GLY F 9 2.42 48.86 7.77
N GLY F 10 2.78 49.94 7.10
CA GLY F 10 2.96 51.22 7.75
C GLY F 10 4.08 52.00 7.08
N LEU F 11 4.43 53.12 7.71
CA LEU F 11 5.52 53.96 7.25
C LEU F 11 6.81 53.61 8.00
N VAL F 12 7.90 53.46 7.24
CA VAL F 12 9.20 53.10 7.79
C VAL F 12 10.28 53.94 7.14
N GLN F 13 11.29 54.28 7.92
CA GLN F 13 12.44 55.00 7.38
C GLN F 13 13.29 54.06 6.53
N PRO F 14 13.97 54.59 5.51
CA PRO F 14 14.86 53.75 4.71
C PRO F 14 15.95 53.11 5.56
N GLY F 15 16.32 51.89 5.18
CA GLY F 15 17.29 51.11 5.91
C GLY F 15 16.74 50.35 7.11
N GLY F 16 15.49 50.59 7.49
CA GLY F 16 14.89 49.91 8.61
C GLY F 16 14.38 48.53 8.24
N SER F 17 13.75 47.88 9.22
CA SER F 17 13.24 46.54 9.06
C SER F 17 11.77 46.48 9.46
N ARG F 18 11.05 45.52 8.86
CA ARG F 18 9.62 45.39 9.09
C ARG F 18 9.20 43.98 8.72
N LYS F 19 8.36 43.37 9.57
CA LYS F 19 7.82 42.04 9.35
C LYS F 19 6.35 42.15 8.98
N LEU F 20 6.00 41.64 7.80
CA LEU F 20 4.60 41.52 7.40
C LEU F 20 4.07 40.15 7.81
N SER F 21 2.76 40.10 8.08
CA SER F 21 2.08 38.86 8.40
C SER F 21 0.89 38.68 7.47
N CYS F 22 0.55 37.43 7.21
CA CYS F 22 -0.65 37.06 6.47
C CYS F 22 -1.37 35.99 7.26
N SER F 23 -2.59 36.28 7.69
CA SER F 23 -3.34 35.39 8.56
C SER F 23 -4.37 34.64 7.74
N ALA F 24 -4.33 33.32 7.80
CA ALA F 24 -5.16 32.46 6.96
C ALA F 24 -6.25 31.84 7.81
N SER F 25 -7.45 31.77 7.24
CA SER F 25 -8.56 31.08 7.88
C SER F 25 -9.52 30.60 6.80
N GLY F 26 -10.31 29.59 7.14
CA GLY F 26 -11.28 29.10 6.19
C GLY F 26 -10.80 28.12 5.16
N PHE F 27 -9.59 27.56 5.29
CA PHE F 27 -9.12 26.57 4.34
C PHE F 27 -7.93 25.83 4.94
N ALA F 28 -7.42 24.85 4.19
CA ALA F 28 -6.33 23.99 4.65
C ALA F 28 -4.97 24.63 4.35
N PHE F 29 -4.74 25.75 5.05
CA PHE F 29 -3.50 26.51 4.93
C PHE F 29 -2.27 25.65 4.70
N SER F 30 -1.99 24.72 5.62
CA SER F 30 -0.80 23.90 5.52
C SER F 30 -0.56 23.40 4.10
N SER F 31 -1.57 22.79 3.49
CA SER F 31 -1.40 22.21 2.16
C SER F 31 -1.56 23.23 1.03
N PHE F 32 -0.97 24.42 1.15
CA PHE F 32 -1.06 25.44 0.10
C PHE F 32 0.26 26.18 -0.04
N GLY F 33 0.86 26.10 -1.23
CA GLY F 33 2.05 26.86 -1.55
C GLY F 33 1.83 28.36 -1.61
N MET F 34 2.24 29.09 -0.57
CA MET F 34 1.96 30.52 -0.48
C MET F 34 2.89 31.33 -1.39
N HIS F 35 2.46 32.55 -1.70
CA HIS F 35 3.18 33.45 -2.61
C HIS F 35 2.96 34.88 -2.16
N TRP F 36 4.02 35.66 -2.06
CA TRP F 36 3.89 37.09 -1.81
C TRP F 36 4.02 37.78 -3.17
N VAL F 37 3.03 38.59 -3.53
CA VAL F 37 3.08 39.41 -4.73
C VAL F 37 2.87 40.86 -4.34
N ARG F 38 3.64 41.76 -4.93
CA ARG F 38 3.55 43.17 -4.59
C ARG F 38 3.21 43.99 -5.83
N GLN F 39 2.67 45.19 -5.58
CA GLN F 39 2.20 46.08 -6.64
C GLN F 39 2.62 47.50 -6.25
N ALA F 40 3.55 48.08 -7.01
CA ALA F 40 3.95 49.44 -6.73
C ALA F 40 2.79 50.40 -7.01
N PRO F 41 2.77 51.56 -6.35
CA PRO F 41 1.58 52.42 -6.37
C PRO F 41 0.88 52.56 -7.72
N GLU F 42 1.61 53.03 -8.74
CA GLU F 42 1.04 53.21 -10.07
C GLU F 42 1.61 52.23 -11.09
N LYS F 43 1.92 51.01 -10.65
CA LYS F 43 2.65 50.08 -11.50
C LYS F 43 1.97 48.71 -11.50
N GLY F 44 2.59 47.73 -12.13
CA GLY F 44 2.02 46.40 -12.26
C GLY F 44 2.37 45.51 -11.10
N LEU F 45 2.12 44.21 -11.28
CA LEU F 45 2.38 43.23 -10.24
C LEU F 45 3.79 42.67 -10.38
N GLU F 46 4.42 42.43 -9.23
CA GLU F 46 5.77 41.86 -9.21
C GLU F 46 5.85 40.79 -8.14
N TRP F 47 6.28 39.60 -8.54
CA TRP F 47 6.40 38.47 -7.62
C TRP F 47 7.57 38.68 -6.68
N VAL F 48 7.38 38.33 -5.40
CA VAL F 48 8.36 38.60 -4.36
C VAL F 48 8.97 37.32 -3.81
N ALA F 49 8.14 36.37 -3.37
CA ALA F 49 8.68 35.17 -2.75
C ALA F 49 7.63 34.06 -2.74
N TYR F 50 8.12 32.83 -2.61
CA TYR F 50 7.29 31.63 -2.62
C TYR F 50 7.82 30.66 -1.57
N ILE F 51 6.90 30.08 -0.78
CA ILE F 51 7.25 28.99 0.13
C ILE F 51 6.24 27.86 -0.08
N SER F 52 6.75 26.67 -0.40
CA SER F 52 5.89 25.53 -0.70
C SER F 52 5.22 24.99 0.55
N SER F 53 4.18 24.18 0.33
CA SER F 53 3.63 23.36 1.40
C SER F 53 4.72 22.45 1.97
N GLY F 54 4.90 22.51 3.29
CA GLY F 54 5.97 21.79 3.93
C GLY F 54 7.27 22.56 4.04
N SER F 55 7.34 23.75 3.45
CA SER F 55 8.50 24.64 3.52
C SER F 55 9.76 24.05 2.88
N GLY F 56 9.62 22.99 2.10
CA GLY F 56 10.80 22.38 1.49
C GLY F 56 11.43 23.19 0.39
N THR F 57 10.68 24.09 -0.24
CA THR F 57 11.15 24.85 -1.38
C THR F 57 10.82 26.33 -1.19
N ILE F 58 11.83 27.18 -1.33
CA ILE F 58 11.67 28.62 -1.19
C ILE F 58 12.38 29.30 -2.35
N TYR F 59 11.69 30.22 -3.01
CA TYR F 59 12.26 31.00 -4.09
C TYR F 59 12.05 32.48 -3.79
N TYR F 60 13.03 33.30 -4.18
CA TYR F 60 12.94 34.74 -4.04
C TYR F 60 13.14 35.39 -5.40
N ALA F 61 12.51 36.56 -5.57
CA ALA F 61 12.84 37.41 -6.71
C ALA F 61 14.25 37.98 -6.54
N ASP F 62 14.90 38.20 -7.69
CA ASP F 62 16.28 38.69 -7.67
C ASP F 62 16.40 39.99 -6.88
N THR F 63 15.48 40.93 -7.11
CA THR F 63 15.56 42.24 -6.48
C THR F 63 15.38 42.19 -4.97
N VAL F 64 15.12 41.02 -4.38
CA VAL F 64 14.82 40.92 -2.96
C VAL F 64 15.64 39.87 -2.24
N LYS F 65 16.26 38.92 -2.94
CA LYS F 65 17.02 37.88 -2.26
C LYS F 65 18.12 38.50 -1.40
N GLY F 66 18.35 37.91 -0.24
CA GLY F 66 19.28 38.45 0.74
C GLY F 66 18.65 39.40 1.75
N ARG F 67 17.64 40.16 1.32
CA ARG F 67 17.02 41.17 2.17
C ARG F 67 15.73 40.69 2.80
N PHE F 68 14.91 39.97 2.07
CA PHE F 68 13.61 39.50 2.55
C PHE F 68 13.70 38.03 2.94
N THR F 69 12.99 37.66 4.01
CA THR F 69 12.86 36.28 4.43
C THR F 69 11.37 35.94 4.54
N ILE F 70 10.95 34.90 3.82
CA ILE F 70 9.60 34.37 3.88
C ILE F 70 9.56 33.18 4.82
N SER F 71 8.51 33.10 5.64
CA SER F 71 8.33 31.96 6.54
C SER F 71 6.85 31.76 6.78
N ARG F 72 6.52 30.60 7.34
CA ARG F 72 5.15 30.26 7.70
C ARG F 72 5.13 29.53 9.03
N ASP F 73 4.06 29.75 9.80
CA ASP F 73 3.82 29.06 11.06
C ASP F 73 2.52 28.28 10.88
N ASP F 74 2.65 27.01 10.47
CA ASP F 74 1.47 26.23 10.13
C ASP F 74 0.50 26.02 11.28
N PRO F 75 0.93 25.69 12.50
CA PRO F 75 -0.05 25.55 13.59
C PRO F 75 -0.92 26.77 13.81
N LYS F 76 -0.40 27.98 13.62
CA LYS F 76 -1.19 29.19 13.79
C LYS F 76 -1.69 29.77 12.47
N ASN F 77 -1.55 29.04 11.37
CA ASN F 77 -2.13 29.43 10.08
C ASN F 77 -1.70 30.83 9.67
N THR F 78 -0.42 31.14 9.80
CA THR F 78 0.10 32.47 9.54
C THR F 78 1.31 32.41 8.62
N LEU F 79 1.36 33.35 7.68
CA LEU F 79 2.50 33.53 6.78
C LEU F 79 3.23 34.82 7.13
N PHE F 80 4.57 34.77 7.04
CA PHE F 80 5.42 35.91 7.38
C PHE F 80 6.31 36.31 6.22
N LEU F 81 6.64 37.60 6.19
CA LEU F 81 7.68 38.14 5.30
C LEU F 81 8.52 39.09 6.14
N GLN F 82 9.73 38.67 6.52
CA GLN F 82 10.63 39.53 7.30
C GLN F 82 11.49 40.32 6.33
N MET F 83 11.31 41.64 6.32
CA MET F 83 12.02 42.53 5.42
C MET F 83 13.07 43.33 6.20
N THR F 84 14.21 43.55 5.56
CA THR F 84 15.28 44.35 6.14
C THR F 84 15.91 45.21 5.06
N SER F 85 16.64 46.23 5.49
CA SER F 85 17.30 47.16 4.58
C SER F 85 16.31 47.72 3.56
N LEU F 86 15.17 48.18 4.06
CA LEU F 86 14.09 48.63 3.19
C LEU F 86 14.53 49.84 2.38
N ARG F 87 14.31 49.78 1.07
CA ARG F 87 14.61 50.89 0.18
C ARG F 87 13.33 51.55 -0.29
N SER F 88 13.49 52.71 -0.94
CA SER F 88 12.33 53.42 -1.46
C SER F 88 11.61 52.59 -2.52
N GLU F 89 12.34 51.78 -3.28
CA GLU F 89 11.75 50.96 -4.33
C GLU F 89 10.95 49.78 -3.79
N ASP F 90 10.89 49.58 -2.48
CA ASP F 90 10.06 48.53 -1.89
C ASP F 90 8.66 49.01 -1.56
N THR F 91 8.38 50.30 -1.69
CA THR F 91 7.05 50.82 -1.41
C THR F 91 6.02 50.22 -2.36
N ALA F 92 5.08 49.45 -1.82
CA ALA F 92 4.11 48.76 -2.64
C ALA F 92 2.99 48.22 -1.74
N MET F 93 1.90 47.81 -2.38
CA MET F 93 0.91 46.95 -1.74
C MET F 93 1.37 45.50 -1.83
N TYR F 94 1.31 44.79 -0.70
CA TYR F 94 1.76 43.41 -0.62
C TYR F 94 0.57 42.48 -0.47
N TYR F 95 0.39 41.60 -1.45
CA TYR F 95 -0.69 40.62 -1.46
C TYR F 95 -0.18 39.26 -1.04
N CYS F 96 -0.92 38.60 -0.16
CA CYS F 96 -0.70 37.19 0.17
C CYS F 96 -1.54 36.34 -0.78
N VAL F 97 -0.92 35.32 -1.38
CA VAL F 97 -1.57 34.53 -2.41
C VAL F 97 -1.37 33.04 -2.13
N ARG F 98 -2.45 32.28 -2.19
CA ARG F 98 -2.40 30.84 -2.02
C ARG F 98 -2.29 30.16 -3.37
N SER F 99 -1.66 28.99 -3.39
CA SER F 99 -1.43 28.28 -4.66
CA SER F 99 -1.45 28.28 -4.66
C SER F 99 -1.16 26.82 -4.35
N ILE F 100 -2.08 25.94 -4.75
CA ILE F 100 -1.92 24.51 -4.55
C ILE F 100 -1.61 23.87 -5.89
N TYR F 101 -0.65 22.93 -5.90
CA TYR F 101 -0.10 22.37 -7.13
C TYR F 101 -0.31 20.86 -7.14
N TYR F 102 -1.18 20.40 -8.03
CA TYR F 102 -1.32 18.98 -8.35
C TYR F 102 -1.99 18.89 -9.71
N TYR F 103 -2.05 17.67 -10.24
CA TYR F 103 -2.62 17.49 -11.58
C TYR F 103 -4.03 18.04 -11.65
N GLY F 104 -4.22 19.04 -12.51
CA GLY F 104 -5.51 19.67 -12.70
C GLY F 104 -5.85 20.77 -11.73
N SER F 105 -4.95 21.11 -10.80
CA SER F 105 -5.23 22.16 -9.84
C SER F 105 -5.30 23.52 -10.53
N SER F 106 -5.75 24.52 -9.78
CA SER F 106 -5.77 25.91 -10.23
C SER F 106 -4.90 26.74 -9.29
N PRO F 107 -3.62 26.91 -9.59
CA PRO F 107 -2.78 27.80 -8.78
C PRO F 107 -3.26 29.23 -8.81
N PHE F 108 -2.84 29.98 -7.79
CA PHE F 108 -3.07 31.43 -7.73
C PHE F 108 -4.56 31.77 -7.71
N ASP F 109 -5.37 30.93 -7.08
CA ASP F 109 -6.82 31.06 -7.17
C ASP F 109 -7.43 31.90 -6.05
N PHE F 110 -6.63 32.39 -5.11
CA PHE F 110 -7.17 33.30 -4.10
C PHE F 110 -6.09 34.26 -3.64
N TRP F 111 -6.41 35.55 -3.63
CA TRP F 111 -5.48 36.61 -3.25
C TRP F 111 -5.98 37.31 -2.00
N GLY F 112 -5.05 37.73 -1.16
CA GLY F 112 -5.41 38.45 0.04
C GLY F 112 -5.86 39.87 -0.26
N GLN F 113 -6.24 40.58 0.79
CA GLN F 113 -6.68 41.95 0.65
C GLN F 113 -5.55 42.93 0.46
N GLY F 114 -4.35 42.61 0.90
CA GLY F 114 -3.21 43.47 0.69
C GLY F 114 -2.95 44.37 1.89
N THR F 115 -1.67 44.65 2.13
CA THR F 115 -1.24 45.58 3.16
C THR F 115 -0.27 46.60 2.56
N THR F 116 -0.37 47.83 3.02
CA THR F 116 0.34 48.95 2.39
C THR F 116 1.63 49.21 3.15
N LEU F 117 2.73 49.29 2.41
CA LEU F 117 4.05 49.61 2.95
C LEU F 117 4.56 50.88 2.29
N THR F 118 5.02 51.83 3.11
CA THR F 118 5.54 53.10 2.62
C THR F 118 6.93 53.30 3.19
N VAL F 119 7.92 53.43 2.31
CA VAL F 119 9.29 53.72 2.69
C VAL F 119 9.59 55.17 2.38
N SER F 120 10.17 55.88 3.34
CA SER F 120 10.35 57.32 3.20
C SER F 120 11.39 57.61 2.13
N SER F 121 11.60 58.90 1.87
CA SER F 121 12.51 59.33 0.81
C SER F 121 13.94 59.46 1.34
N GLY F 135 17.27 39.78 -18.08
CA GLY F 135 18.24 38.83 -18.58
C GLY F 135 17.63 37.49 -18.98
N SER F 136 17.93 36.47 -18.18
CA SER F 136 17.35 35.14 -18.39
C SER F 136 15.87 35.09 -18.08
N ASP F 137 15.37 36.01 -17.25
CA ASP F 137 13.95 36.01 -16.91
C ASP F 137 13.09 36.24 -18.15
N ILE F 138 11.95 35.56 -18.20
CA ILE F 138 11.02 35.72 -19.30
C ILE F 138 10.30 37.06 -19.15
N VAL F 139 10.27 37.83 -20.22
CA VAL F 139 9.61 39.13 -20.24
C VAL F 139 8.20 38.97 -20.78
N MET F 140 7.23 39.53 -20.06
CA MET F 140 5.83 39.50 -20.45
C MET F 140 5.46 40.87 -21.00
N THR F 141 4.86 40.88 -22.19
CA THR F 141 4.61 42.11 -22.93
C THR F 141 3.12 42.22 -23.25
N GLN F 142 2.50 43.27 -22.74
CA GLN F 142 1.15 43.68 -23.16
C GLN F 142 1.32 45.02 -23.88
N ALA F 143 1.46 44.95 -25.21
CA ALA F 143 1.79 46.14 -25.98
C ALA F 143 0.70 47.20 -25.92
N THR F 144 -0.52 46.82 -25.57
CA THR F 144 -1.63 47.76 -25.49
C THR F 144 -1.88 48.13 -24.03
N SER F 145 -1.72 49.41 -23.71
CA SER F 145 -1.78 49.88 -22.33
C SER F 145 -3.20 50.15 -21.88
N SER F 146 -4.09 50.49 -22.80
CA SER F 146 -5.49 50.73 -22.46
C SER F 146 -6.35 50.48 -23.69
N VAL F 147 -7.64 50.23 -23.44
CA VAL F 147 -8.60 49.93 -24.50
C VAL F 147 -9.94 50.52 -24.11
N PRO F 148 -10.55 51.37 -24.95
CA PRO F 148 -11.90 51.85 -24.63
C PRO F 148 -12.97 50.88 -25.13
N VAL F 149 -13.94 50.59 -24.27
CA VAL F 149 -14.96 49.59 -24.56
C VAL F 149 -16.34 50.13 -24.19
N THR F 150 -17.36 49.50 -24.75
CA THR F 150 -18.75 49.77 -24.45
C THR F 150 -19.46 48.47 -24.09
N PRO F 151 -20.41 48.51 -23.16
CA PRO F 151 -21.05 47.28 -22.73
C PRO F 151 -21.64 46.52 -23.90
N GLY F 152 -21.73 45.20 -23.75
CA GLY F 152 -22.25 44.35 -24.79
C GLY F 152 -21.29 44.02 -25.91
N GLU F 153 -20.25 44.82 -26.10
CA GLU F 153 -19.27 44.58 -27.15
C GLU F 153 -18.35 43.42 -26.77
N SER F 154 -17.46 43.06 -27.68
CA SER F 154 -16.54 41.95 -27.50
C SER F 154 -15.11 42.46 -27.61
N VAL F 155 -14.26 42.06 -26.67
CA VAL F 155 -12.89 42.55 -26.59
C VAL F 155 -11.94 41.38 -26.73
N SER F 156 -10.72 41.69 -27.17
CA SER F 156 -9.65 40.70 -27.27
C SER F 156 -8.37 41.36 -26.76
N ILE F 157 -7.86 40.87 -25.63
CA ILE F 157 -6.61 41.34 -25.06
C ILE F 157 -5.50 40.39 -25.45
N SER F 158 -4.32 40.93 -25.72
CA SER F 158 -3.19 40.16 -26.22
C SER F 158 -2.03 40.21 -25.25
N CYS F 159 -1.20 39.17 -25.31
CA CYS F 159 -0.01 39.03 -24.48
C CYS F 159 1.00 38.21 -25.29
N ARG F 160 2.28 38.49 -25.08
CA ARG F 160 3.33 37.76 -25.77
C ARG F 160 4.46 37.46 -24.80
N SER F 161 5.17 36.37 -25.08
CA SER F 161 6.28 35.92 -24.26
C SER F 161 7.56 35.89 -25.09
N SER F 162 8.68 36.23 -24.44
CA SER F 162 9.98 36.16 -25.10
C SER F 162 10.44 34.72 -25.30
N LYS F 163 9.83 33.77 -24.60
CA LYS F 163 10.12 32.35 -24.79
C LYS F 163 8.80 31.60 -24.93
N SER F 164 8.87 30.44 -25.58
CA SER F 164 7.69 29.60 -25.72
C SER F 164 7.26 29.08 -24.35
N LEU F 165 5.97 29.25 -24.04
CA LEU F 165 5.41 28.75 -22.79
C LEU F 165 4.85 27.34 -22.90
N LEU F 166 4.86 26.74 -24.09
CA LEU F 166 4.37 25.37 -24.25
C LEU F 166 5.46 24.39 -23.82
N HIS F 167 5.14 23.52 -22.87
CA HIS F 167 6.08 22.56 -22.32
C HIS F 167 5.92 21.21 -23.02
N SER F 168 6.97 20.39 -22.92
CA SER F 168 6.93 19.06 -23.49
C SER F 168 5.82 18.19 -22.94
N ASN F 169 5.26 18.53 -21.77
CA ASN F 169 4.13 17.78 -21.24
C ASN F 169 2.81 18.16 -21.90
N GLY F 170 2.79 19.20 -22.73
CA GLY F 170 1.60 19.62 -23.42
C GLY F 170 0.92 20.84 -22.83
N ASN F 171 1.27 21.22 -21.60
CA ASN F 171 0.66 22.37 -20.96
C ASN F 171 1.37 23.64 -21.37
N THR F 172 0.61 24.73 -21.46
CA THR F 172 1.15 26.06 -21.73
C THR F 172 0.84 26.92 -20.51
N TYR F 173 1.88 27.37 -19.83
CA TYR F 173 1.75 27.86 -18.45
C TYR F 173 1.51 29.37 -18.44
N LEU F 174 0.31 29.76 -18.85
CA LEU F 174 -0.06 31.16 -18.95
C LEU F 174 -1.34 31.39 -18.16
N TYR F 175 -1.34 32.42 -17.33
CA TYR F 175 -2.44 32.75 -16.45
C TYR F 175 -2.95 34.15 -16.75
N TRP F 176 -4.26 34.35 -16.63
CA TRP F 176 -4.87 35.65 -16.78
C TRP F 176 -5.52 36.04 -15.45
N PHE F 177 -5.27 37.28 -15.02
CA PHE F 177 -5.89 37.83 -13.83
C PHE F 177 -6.66 39.08 -14.17
N LEU F 178 -7.68 39.37 -13.36
CA LEU F 178 -8.44 40.61 -13.45
C LEU F 178 -8.32 41.34 -12.13
N GLN F 179 -7.93 42.61 -12.19
CA GLN F 179 -7.95 43.49 -11.03
C GLN F 179 -9.00 44.57 -11.23
N ARG F 180 -10.11 44.45 -10.52
CA ARG F 180 -11.11 45.51 -10.52
C ARG F 180 -10.60 46.68 -9.70
N PRO F 181 -11.10 47.88 -9.98
CA PRO F 181 -10.59 49.06 -9.25
C PRO F 181 -10.85 48.95 -7.75
N GLY F 182 -9.76 49.05 -6.98
CA GLY F 182 -9.84 49.00 -5.53
C GLY F 182 -9.86 47.62 -4.90
N GLN F 183 -9.76 46.56 -5.69
CA GLN F 183 -9.87 45.21 -5.16
C GLN F 183 -8.61 44.42 -5.50
N SER F 184 -8.49 43.24 -4.89
CA SER F 184 -7.38 42.34 -5.17
C SER F 184 -7.57 41.66 -6.51
N PRO F 185 -6.49 41.25 -7.17
CA PRO F 185 -6.63 40.51 -8.42
C PRO F 185 -7.35 39.20 -8.22
N GLN F 186 -8.01 38.75 -9.28
CA GLN F 186 -8.81 37.53 -9.28
C GLN F 186 -8.42 36.69 -10.48
N LEU F 187 -8.20 35.39 -10.25
CA LEU F 187 -7.85 34.50 -11.34
C LEU F 187 -9.01 34.35 -12.32
N LEU F 188 -8.72 34.46 -13.61
CA LEU F 188 -9.69 34.21 -14.66
C LEU F 188 -9.38 32.92 -15.43
N ILE F 189 -8.16 32.77 -15.93
CA ILE F 189 -7.78 31.65 -16.77
C ILE F 189 -6.48 31.08 -16.22
N TYR F 190 -6.41 29.76 -16.07
CA TYR F 190 -5.16 29.09 -15.74
C TYR F 190 -4.75 28.18 -16.89
N ARG F 191 -3.45 28.13 -17.13
CA ARG F 191 -2.85 27.38 -18.23
C ARG F 191 -3.53 27.71 -19.55
N MET F 192 -3.73 29.00 -19.77
CA MET F 192 -4.08 29.60 -21.05
C MET F 192 -5.53 29.40 -21.47
N SER F 193 -6.03 28.17 -21.36
CA SER F 193 -7.37 27.87 -21.85
C SER F 193 -8.37 27.43 -20.79
N ASN F 194 -7.92 27.06 -19.58
CA ASN F 194 -8.84 26.59 -18.56
C ASN F 194 -9.56 27.73 -17.87
N LEU F 195 -10.88 27.63 -17.84
CA LEU F 195 -11.73 28.65 -17.22
C LEU F 195 -11.68 28.45 -15.70
N ALA F 196 -11.34 29.51 -14.97
CA ALA F 196 -11.33 29.41 -13.51
C ALA F 196 -12.73 29.23 -12.93
N SER F 197 -12.78 28.56 -11.78
CA SER F 197 -14.02 28.32 -11.06
C SER F 197 -14.69 29.63 -10.64
N GLY F 198 -15.99 29.73 -10.90
CA GLY F 198 -16.79 30.88 -10.52
C GLY F 198 -16.74 32.05 -11.46
N VAL F 199 -15.94 31.99 -12.51
CA VAL F 199 -15.80 33.08 -13.48
C VAL F 199 -16.81 32.80 -14.60
N PRO F 200 -17.60 33.79 -15.03
CA PRO F 200 -18.61 33.52 -16.05
C PRO F 200 -17.99 33.08 -17.38
N ASP F 201 -18.76 32.24 -18.08
CA ASP F 201 -18.31 31.59 -19.31
C ASP F 201 -18.14 32.57 -20.47
N ARG F 202 -18.35 33.87 -20.26
CA ARG F 202 -18.11 34.83 -21.34
C ARG F 202 -16.63 35.11 -21.54
N PHE F 203 -15.77 34.68 -20.62
CA PHE F 203 -14.33 34.77 -20.81
C PHE F 203 -13.82 33.47 -21.44
N SER F 204 -12.80 33.62 -22.28
CA SER F 204 -12.15 32.46 -22.89
C SER F 204 -10.75 32.86 -23.30
N GLY F 205 -9.85 31.89 -23.27
CA GLY F 205 -8.45 32.14 -23.59
C GLY F 205 -7.95 31.18 -24.64
N SER F 206 -7.05 31.68 -25.49
CA SER F 206 -6.47 30.88 -26.56
C SER F 206 -5.08 31.42 -26.86
N GLY F 207 -4.39 30.70 -27.74
CA GLY F 207 -3.09 31.13 -28.21
C GLY F 207 -2.30 29.92 -28.65
N SER F 208 -1.00 30.15 -28.85
CA SER F 208 -0.11 29.05 -29.24
C SER F 208 1.33 29.47 -29.00
N GLY F 209 1.98 28.85 -28.01
CA GLY F 209 3.41 28.92 -27.85
C GLY F 209 3.96 30.23 -27.33
N THR F 210 3.72 31.32 -28.06
CA THR F 210 4.34 32.61 -27.71
C THR F 210 3.33 33.74 -27.67
N ALA F 211 2.29 33.67 -28.51
CA ALA F 211 1.27 34.70 -28.58
C ALA F 211 -0.07 34.16 -28.08
N PHE F 212 -0.77 34.96 -27.30
CA PHE F 212 -1.97 34.52 -26.61
C PHE F 212 -3.01 35.62 -26.63
N THR F 213 -4.27 35.21 -26.50
CA THR F 213 -5.40 36.11 -26.63
C THR F 213 -6.46 35.77 -25.59
N LEU F 214 -6.93 36.77 -24.87
CA LEU F 214 -8.08 36.63 -23.99
C LEU F 214 -9.26 37.35 -24.62
N THR F 215 -10.38 36.65 -24.75
CA THR F 215 -11.56 37.17 -25.42
C THR F 215 -12.72 37.21 -24.45
N ILE F 216 -13.39 38.37 -24.39
CA ILE F 216 -14.60 38.56 -23.60
C ILE F 216 -15.76 38.75 -24.55
N SER F 217 -16.87 38.05 -24.28
CA SER F 217 -18.08 38.16 -25.08
C SER F 217 -19.15 38.90 -24.28
N ARG F 218 -19.79 39.88 -24.92
CA ARG F 218 -20.83 40.68 -24.29
C ARG F 218 -20.36 41.25 -22.94
N LEU F 219 -19.34 42.10 -23.01
CA LEU F 219 -18.73 42.70 -21.82
C LEU F 219 -19.75 43.48 -21.01
N GLU F 220 -19.76 43.27 -19.68
CA GLU F 220 -20.71 43.95 -18.81
C GLU F 220 -20.02 45.07 -18.04
N ALA F 221 -20.76 45.70 -17.13
CA ALA F 221 -20.25 46.85 -16.40
C ALA F 221 -19.11 46.46 -15.48
N GLU F 222 -19.32 45.44 -14.66
CA GLU F 222 -18.36 45.01 -13.65
C GLU F 222 -17.06 44.50 -14.25
N ASP F 223 -17.03 44.23 -15.56
CA ASP F 223 -15.86 43.66 -16.21
C ASP F 223 -14.71 44.64 -16.31
N VAL F 224 -14.92 45.91 -15.97
CA VAL F 224 -13.91 46.94 -16.15
C VAL F 224 -12.77 46.73 -15.15
N GLY F 225 -11.54 46.87 -15.63
CA GLY F 225 -10.38 46.75 -14.77
C GLY F 225 -9.12 46.54 -15.58
N VAL F 226 -8.09 46.07 -14.90
CA VAL F 226 -6.78 45.82 -15.50
C VAL F 226 -6.56 44.32 -15.60
N TYR F 227 -6.10 43.87 -16.76
CA TYR F 227 -5.89 42.45 -17.05
C TYR F 227 -4.39 42.18 -17.16
N TYR F 228 -3.91 41.27 -16.34
CA TYR F 228 -2.50 40.89 -16.33
C TYR F 228 -2.34 39.46 -16.82
N CYS F 229 -1.33 39.23 -17.65
CA CYS F 229 -0.91 37.88 -17.99
C CYS F 229 0.31 37.53 -17.16
N MET F 230 0.55 36.23 -17.00
CA MET F 230 1.63 35.76 -16.16
C MET F 230 2.09 34.41 -16.66
N GLN F 231 3.40 34.19 -16.63
CA GLN F 231 3.99 32.91 -16.99
C GLN F 231 4.33 32.12 -15.74
N HIS F 232 4.03 30.83 -15.75
CA HIS F 232 4.43 29.93 -14.68
C HIS F 232 5.28 28.79 -15.22
N LEU F 233 5.99 29.03 -16.33
CA LEU F 233 6.88 28.01 -16.86
C LEU F 233 8.08 27.80 -15.95
N GLU F 234 8.69 28.88 -15.47
CA GLU F 234 9.86 28.78 -14.62
C GLU F 234 9.91 30.02 -13.73
N TYR F 235 10.65 29.91 -12.64
CA TYR F 235 10.84 31.00 -11.70
C TYR F 235 12.02 31.88 -12.14
N PRO F 236 11.96 33.19 -11.93
CA PRO F 236 10.88 33.96 -11.28
C PRO F 236 9.63 34.12 -12.13
N LEU F 237 8.46 34.06 -11.48
CA LEU F 237 7.22 34.38 -12.16
C LEU F 237 7.17 35.85 -12.52
N THR F 238 6.67 36.15 -13.71
CA THR F 238 6.69 37.51 -14.25
C THR F 238 5.33 37.83 -14.86
N PHE F 239 4.91 39.08 -14.67
CA PHE F 239 3.63 39.56 -15.15
C PHE F 239 3.83 40.51 -16.32
N GLY F 240 2.76 40.67 -17.10
CA GLY F 240 2.71 41.75 -18.07
C GLY F 240 2.42 43.08 -17.42
N ALA F 241 2.66 44.15 -18.18
CA ALA F 241 2.45 45.49 -17.66
C ALA F 241 0.98 45.76 -17.36
N GLY F 242 0.07 44.98 -17.93
CA GLY F 242 -1.35 45.17 -17.68
C GLY F 242 -2.04 45.93 -18.79
N THR F 243 -3.27 45.55 -19.10
CA THR F 243 -4.09 46.23 -20.08
C THR F 243 -5.36 46.72 -19.40
N LYS F 244 -5.62 48.01 -19.49
CA LYS F 244 -6.78 48.61 -18.85
C LYS F 244 -7.97 48.65 -19.80
N LEU F 245 -9.15 48.34 -19.27
CA LEU F 245 -10.41 48.46 -19.99
C LEU F 245 -11.15 49.68 -19.46
N GLU F 246 -11.26 50.72 -20.30
CA GLU F 246 -11.99 51.92 -19.94
C GLU F 246 -13.38 51.90 -20.58
N LEU F 247 -14.33 52.53 -19.92
CA LEU F 247 -15.69 52.68 -20.44
C LEU F 247 -15.67 53.77 -21.51
N LYS F 248 -15.92 53.38 -22.76
CA LYS F 248 -15.89 54.28 -23.91
C LYS F 248 -14.87 55.40 -23.77
C10 VV9 G . 23.42 -2.79 20.53
C11 VV9 G . 22.51 -1.83 20.95
C12 VV9 G . 21.21 -1.88 20.47
C13 VV9 G . 20.84 -2.88 19.61
C15 VV9 G . 21.74 -3.85 19.21
C16 VV9 G . 23.04 -3.81 19.67
C01 VV9 G . 32.78 -1.95 22.51
C03 VV9 G . 30.69 -2.86 21.76
C04 VV9 G . 29.90 -1.72 21.79
C05 VV9 G . 28.76 -1.64 21.01
C06 VV9 G . 28.32 -2.71 20.26
C07 VV9 G . 27.10 -2.65 19.37
C19 VV9 G . 25.24 -1.15 19.02
C20 VV9 G . 26.33 -0.44 18.26
C22 VV9 G . 29.11 -3.84 20.21
C23 VV9 G . 30.26 -3.92 20.96
N08 VV9 G . 25.98 -1.97 20.01
O02 VV9 G . 31.83 -3.01 22.49
O17 VV9 G . 25.56 -4.08 21.20
O18 VV9 G . 25.09 -1.92 22.30
S09 VV9 G . 25.07 -2.74 21.12
S21 VV9 G . 27.48 -1.73 17.81
BR1 VV9 G . 31.25 -5.54 20.85
CL1 VV9 G . 19.20 -2.96 19.03
H1 VV9 G . 22.77 -1.14 21.53
H2 VV9 G . 20.58 -1.23 20.73
H3 VV9 G . 21.47 -4.53 18.63
H4 VV9 G . 23.66 -4.45 19.40
H5 VV9 G . 32.43 -1.19 22.99
H6 VV9 G . 33.00 -1.69 21.60
H7 VV9 G . 33.60 -2.26 22.95
H8 VV9 G . 30.16 -1.00 22.33
H9 VV9 G . 28.23 -0.85 21.07
H10 VV9 G . 26.83 -3.57 19.12
H11 VV9 G . 24.65 -0.50 19.46
H12 VV9 G . 24.70 -1.71 18.42
H13 VV9 G . 25.97 -0.03 17.45
H14 VV9 G . 26.77 0.23 18.81
H15 VV9 G . 28.85 -4.57 19.67
#